data_2XQ2
#
_entry.id   2XQ2
#
_cell.length_a   85.300
_cell.length_b   112.680
_cell.length_c   238.770
_cell.angle_alpha   90.00
_cell.angle_beta   90.00
_cell.angle_gamma   90.00
#
_symmetry.space_group_name_H-M   'P 21 21 21'
#
loop_
_entity.id
_entity.type
_entity.pdbx_description
1 polymer 'SODIUM/GLUCOSE COTRANSPORTER'
2 polymer 'SODIUM/GLUCOSE COTRANSPORTER'
3 non-polymer DI(HYDROXYETHYL)ETHER
4 water water
#
loop_
_entity_poly.entity_id
_entity_poly.type
_entity_poly.pdbx_seq_one_letter_code
_entity_poly.pdbx_strand_id
1 'polypeptide(L)'
;MSNIEHGLSFIDIMVFAIYVAIIIGVGLWVSRDKKGTQKSTEDYFLAGKSLPWWAVGASLIAANISAEQFIGMSGSGYSI
GLAIASYEWMSAITLIIVGKYFLPIFIEKGIYTIPEFVEKRFNKKLKTILAVFWISLYIFVNLTSVLYLGGLALETILGI
PLMYSILGLALFALVYSIYGGLSAVVWTDVIQVFFLVLGGFMTTYMAVSFIGGTDGWFAGVSKMVDAAPGHFEMILDQSN
PQYMNLPGIAVLIGGLWVANLYYWGFNQYIIQRTLAAKSVSEAQKGIVFAAFLALIVPFLVVLPGIAAYVITSDPQLMAS
LGDIAATNLPSAANADKAYPWLTQFLPVGVKGVVFAALAAAIVSSLASMLNSTATIFTMDIYKEYISPDSGDHKLVNVGR
TAAVVALIIAALIAPMLGGIGQCFQYIQEYTGLVSPGILAVFLLGLFWKKTTSKGAIIGVVASIPFALFLKFMPLSMPFM
DQMLYTLLFTMVVIAFTSLSTSINDDDPKGISVTSSMFVTDRSFNIAAYGIMIVLAVLYTLFWVNADAEITLIIFGVMAG
VIGTILLISYGIKKLIKASYKSGGSPGHHHHHH
;
A
2 'polypeptide(L)'
;(UNK)(UNK)(UNK)(UNK)(UNK)(UNK)(UNK)(UNK)(UNK)(UNK)(UNK)(UNK)(UNK)(UNK)(UNK)(UNK)
(UNK)(UNK)(UNK)(UNK)(UNK)(UNK)(UNK)(UNK)(UNK)(UNK)(UNK)(UNK)(UNK)(UNK)(UNK)(UNK)
(UNK)(UNK)(UNK)(UNK)(UNK)(UNK)(UNK)(UNK)(UNK)(UNK)(UNK)(UNK)(UNK)(UNK)(UNK)(UNK)
(UNK)(UNK)LPWWAVGASLIAANISAEQFIGMSGSGYSIGLAIASYEWMSAITLIIVGKYFLPIFIEKGIYTIPEFVEK
RFNKKLKTILAVFWISLYIFVNLTSVLYLGGLALETILGIPLMYSILGLALFALVYSIYGGLSAVVWTDVIQVFFLVLGG
FMTTYMAVSFIGGTDGWFAGVSKMVDAAPGHFEMILDQSNPQYMNLPGIAVLIGGLWVANLYYWGFNQYIIQRTLAAKSV
SEAQKGIVFAAFLALIVPFLVVLPGIAAYVITSDPQLMASLGDIAATNLPSAANADKAYPWLTQFLPVGVKGVVFAALAA
AIVSSLASMLNSTATIFTMDIYKEYISPDSGDHKLVNVGRTAAVVALIIAALIAPMLGGIGQCFQYIQEYTGLVSPGILA
VFLLGLFWKKTTSKGAIIGVVASIPFALFLKFMPLSMPFMDQMLYTLLFTMVVIAFTSLSTSINDDDPKGISVTSSMFVT
DRSFNIAAYGIMIVLAVLYTLFWVNADAEITLIIFGVMAGVIGTILLISYGIKKLIKASYKSGGSPGHHHHHH
;
B
#
# COMPACT_ATOMS: atom_id res chain seq x y z
N SER A 9 11.15 -3.78 -52.37
CA SER A 9 12.05 -4.00 -51.25
C SER A 9 13.33 -4.76 -51.69
N PHE A 10 13.92 -4.35 -52.83
CA PHE A 10 15.13 -4.95 -53.39
C PHE A 10 16.33 -4.48 -52.58
N ILE A 11 16.53 -3.14 -52.50
CA ILE A 11 17.59 -2.46 -51.72
C ILE A 11 17.41 -2.82 -50.24
N ASP A 12 16.14 -2.91 -49.79
CA ASP A 12 15.70 -3.26 -48.44
C ASP A 12 16.36 -4.54 -47.93
N ILE A 13 16.17 -5.67 -48.66
CA ILE A 13 16.76 -6.98 -48.30
C ILE A 13 18.30 -6.95 -48.43
N MET A 14 18.80 -6.15 -49.39
CA MET A 14 20.23 -5.96 -49.64
C MET A 14 20.88 -5.21 -48.46
N VAL A 15 20.20 -4.16 -47.94
CA VAL A 15 20.66 -3.34 -46.82
C VAL A 15 20.66 -4.19 -45.52
N PHE A 16 19.50 -4.83 -45.23
CA PHE A 16 19.26 -5.72 -44.08
C PHE A 16 20.41 -6.68 -43.92
N ALA A 17 20.69 -7.47 -45.00
CA ALA A 17 21.73 -8.51 -45.08
C ALA A 17 23.13 -7.97 -44.79
N ILE A 18 23.41 -6.71 -45.17
CA ILE A 18 24.68 -6.02 -44.91
C ILE A 18 24.84 -5.77 -43.40
N TYR A 19 23.79 -5.20 -42.76
CA TYR A 19 23.74 -4.94 -41.32
C TYR A 19 23.86 -6.26 -40.56
N VAL A 20 22.99 -7.25 -40.88
CA VAL A 20 22.97 -8.59 -40.28
C VAL A 20 24.32 -9.28 -40.40
N ALA A 21 25.01 -9.12 -41.56
CA ALA A 21 26.35 -9.70 -41.77
C ALA A 21 27.41 -8.95 -40.96
N ILE A 22 27.35 -7.60 -40.91
CA ILE A 22 28.28 -6.74 -40.14
C ILE A 22 28.19 -7.12 -38.66
N ILE A 23 26.94 -7.29 -38.13
CA ILE A 23 26.66 -7.67 -36.75
C ILE A 23 27.25 -9.03 -36.41
N ILE A 24 27.10 -10.00 -37.32
CA ILE A 24 27.66 -11.34 -37.16
C ILE A 24 29.20 -11.28 -37.36
N GLY A 25 29.65 -10.42 -38.27
CA GLY A 25 31.06 -10.24 -38.62
C GLY A 25 31.91 -9.64 -37.51
N VAL A 26 31.39 -8.57 -36.85
CA VAL A 26 32.06 -7.90 -35.72
C VAL A 26 32.20 -8.86 -34.53
N GLY A 27 31.21 -9.75 -34.36
CA GLY A 27 31.18 -10.79 -33.35
C GLY A 27 32.26 -11.84 -33.56
N LEU A 28 32.35 -12.37 -34.79
CA LEU A 28 33.36 -13.37 -35.15
C LEU A 28 34.78 -12.79 -35.12
N TRP A 29 34.95 -11.51 -35.51
CA TRP A 29 36.26 -10.83 -35.49
C TRP A 29 36.73 -10.51 -34.05
N VAL A 30 35.84 -10.70 -33.05
CA VAL A 30 36.09 -10.45 -31.63
C VAL A 30 35.68 -11.69 -30.82
N SER A 50 38.79 2.67 -14.18
CA SER A 50 38.76 2.68 -15.64
C SER A 50 37.53 3.37 -16.30
N LEU A 51 36.28 2.91 -15.99
CA LEU A 51 35.03 3.47 -16.58
C LEU A 51 34.63 4.88 -16.13
N PRO A 52 34.41 5.81 -17.06
CA PRO A 52 33.95 7.14 -16.66
C PRO A 52 32.43 7.14 -16.39
N TRP A 53 31.98 8.15 -15.62
CA TRP A 53 30.58 8.34 -15.22
C TRP A 53 29.59 8.24 -16.36
N TRP A 54 29.91 8.91 -17.49
CA TRP A 54 29.06 8.96 -18.66
C TRP A 54 28.93 7.61 -19.33
N ALA A 55 30.01 6.77 -19.32
CA ALA A 55 29.93 5.42 -19.88
C ALA A 55 29.05 4.51 -18.97
N VAL A 56 29.23 4.60 -17.62
CA VAL A 56 28.43 3.90 -16.60
C VAL A 56 26.94 4.23 -16.78
N GLY A 57 26.62 5.50 -17.01
CA GLY A 57 25.27 5.98 -17.22
C GLY A 57 24.66 5.38 -18.47
N ALA A 58 25.30 5.65 -19.63
CA ALA A 58 24.87 5.13 -20.94
C ALA A 58 24.68 3.61 -20.93
N SER A 59 25.63 2.90 -20.29
CA SER A 59 25.68 1.44 -20.13
C SER A 59 24.46 0.92 -19.35
N LEU A 60 24.06 1.65 -18.27
CA LEU A 60 22.93 1.24 -17.44
C LEU A 60 21.60 1.44 -18.15
N ILE A 61 21.38 2.64 -18.68
CA ILE A 61 20.14 2.97 -19.39
C ILE A 61 19.93 2.13 -20.67
N ALA A 62 21.03 1.75 -21.38
CA ALA A 62 21.01 0.94 -22.60
C ALA A 62 20.09 -0.27 -22.56
N ALA A 63 19.93 -0.91 -21.38
CA ALA A 63 19.08 -2.08 -21.15
C ALA A 63 17.62 -1.82 -21.50
N ASN A 64 17.16 -0.57 -21.31
CA ASN A 64 15.81 -0.09 -21.59
C ASN A 64 15.64 0.26 -23.07
N ILE A 65 16.72 0.49 -23.80
CA ILE A 65 16.70 0.86 -25.21
C ILE A 65 16.83 -0.49 -25.93
N SER A 66 15.72 -1.22 -26.02
CA SER A 66 15.70 -2.55 -26.64
C SER A 66 14.54 -2.74 -27.57
N ALA A 67 14.62 -3.74 -28.46
CA ALA A 67 13.55 -3.99 -29.44
C ALA A 67 12.20 -4.21 -28.77
N GLU A 68 12.13 -5.13 -27.75
CA GLU A 68 10.95 -5.49 -26.94
C GLU A 68 10.44 -4.27 -26.18
N GLN A 69 11.35 -3.31 -25.94
CA GLN A 69 10.98 -2.06 -25.29
C GLN A 69 10.35 -1.11 -26.29
N PHE A 70 10.92 -0.97 -27.51
CA PHE A 70 10.29 -0.13 -28.52
C PHE A 70 8.87 -0.65 -28.82
N ILE A 71 8.75 -1.97 -29.12
CA ILE A 71 7.49 -2.63 -29.43
C ILE A 71 6.50 -2.58 -28.26
N GLY A 72 6.96 -2.97 -27.06
CA GLY A 72 6.16 -3.01 -25.84
C GLY A 72 5.68 -1.66 -25.37
N MET A 73 6.63 -0.70 -25.21
CA MET A 73 6.35 0.68 -24.81
C MET A 73 5.46 1.45 -25.79
N SER A 74 5.55 1.12 -27.11
CA SER A 74 4.69 1.74 -28.11
C SER A 74 3.28 1.19 -27.98
N GLY A 75 3.15 -0.10 -27.64
CA GLY A 75 1.86 -0.76 -27.43
C GLY A 75 1.09 -0.07 -26.32
N SER A 76 1.81 0.25 -25.23
CA SER A 76 1.29 0.98 -24.09
C SER A 76 1.04 2.45 -24.48
N GLY A 77 1.92 3.02 -25.33
CA GLY A 77 1.78 4.38 -25.83
C GLY A 77 0.54 4.53 -26.73
N TYR A 78 0.19 3.45 -27.41
CA TYR A 78 -0.99 3.38 -28.25
C TYR A 78 -2.26 3.22 -27.36
N SER A 79 -2.21 2.32 -26.37
CA SER A 79 -3.34 2.05 -25.50
C SER A 79 -3.57 3.06 -24.39
N ILE A 80 -2.52 3.45 -23.66
CA ILE A 80 -2.61 4.42 -22.55
C ILE A 80 -2.09 5.79 -23.00
N GLY A 81 -0.87 5.80 -23.52
CA GLY A 81 -0.19 7.01 -23.93
C GLY A 81 0.94 7.32 -22.99
N LEU A 82 1.29 8.61 -22.86
CA LEU A 82 2.39 9.10 -22.03
C LEU A 82 2.36 8.74 -20.55
N ALA A 83 1.17 8.43 -19.95
CA ALA A 83 1.04 8.04 -18.55
C ALA A 83 1.97 6.86 -18.20
N ILE A 84 2.36 6.09 -19.23
CA ILE A 84 3.21 4.92 -19.09
C ILE A 84 4.71 5.24 -19.00
N ALA A 85 5.09 6.54 -19.20
CA ALA A 85 6.45 7.03 -19.02
C ALA A 85 6.81 6.93 -17.51
N SER A 86 5.78 6.72 -16.64
CA SER A 86 5.94 6.58 -15.20
C SER A 86 6.93 5.49 -14.78
N TYR A 87 7.00 4.38 -15.55
CA TYR A 87 7.95 3.29 -15.29
C TYR A 87 9.37 3.77 -15.34
N GLU A 88 9.68 4.60 -16.35
CA GLU A 88 11.00 5.16 -16.58
C GLU A 88 11.22 6.36 -15.72
N TRP A 89 10.26 7.30 -15.75
CA TRP A 89 10.36 8.53 -14.97
C TRP A 89 10.56 8.26 -13.48
N MET A 90 9.86 7.22 -12.96
CA MET A 90 10.01 6.83 -11.57
C MET A 90 11.28 6.01 -11.34
N SER A 91 11.82 5.38 -12.42
CA SER A 91 13.11 4.68 -12.36
C SER A 91 14.20 5.67 -12.01
N ALA A 92 14.09 6.94 -12.49
CA ALA A 92 15.05 8.01 -12.18
C ALA A 92 15.20 8.18 -10.65
N ILE A 93 14.09 8.39 -9.93
CA ILE A 93 14.10 8.54 -8.48
C ILE A 93 14.52 7.25 -7.79
N THR A 94 14.20 6.08 -8.39
CA THR A 94 14.62 4.77 -7.87
C THR A 94 16.14 4.68 -7.92
N LEU A 95 16.72 5.06 -9.08
CA LEU A 95 18.16 5.04 -9.31
C LEU A 95 18.93 5.88 -8.29
N ILE A 96 18.43 7.10 -7.95
CA ILE A 96 19.02 7.96 -6.91
C ILE A 96 19.13 7.12 -5.62
N ILE A 97 17.96 6.63 -5.11
CA ILE A 97 17.85 5.80 -3.91
C ILE A 97 18.83 4.61 -3.98
N VAL A 98 18.77 3.82 -5.11
CA VAL A 98 19.63 2.64 -5.31
C VAL A 98 21.11 3.01 -5.22
N GLY A 99 21.49 4.04 -5.98
CA GLY A 99 22.86 4.55 -5.98
C GLY A 99 23.33 4.97 -4.60
N LYS A 100 22.55 5.83 -3.91
CA LYS A 100 22.88 6.36 -2.58
C LYS A 100 22.80 5.34 -1.42
N TYR A 101 21.86 4.37 -1.47
CA TYR A 101 21.70 3.46 -0.32
C TYR A 101 21.98 1.99 -0.56
N PHE A 102 21.41 1.38 -1.59
CA PHE A 102 21.50 -0.05 -1.90
C PHE A 102 22.93 -0.50 -2.25
N LEU A 103 23.56 0.22 -3.19
CA LEU A 103 24.89 -0.05 -3.71
C LEU A 103 26.03 -0.01 -2.67
N PRO A 104 26.17 1.04 -1.82
CA PRO A 104 27.26 1.04 -0.83
C PRO A 104 27.32 -0.23 0.03
N ILE A 105 26.17 -0.83 0.35
CA ILE A 105 26.09 -2.08 1.10
C ILE A 105 26.67 -3.25 0.27
N PHE A 106 26.41 -3.29 -1.04
CA PHE A 106 26.94 -4.33 -1.93
C PHE A 106 28.46 -4.26 -2.06
N ILE A 107 29.01 -3.04 -2.17
CA ILE A 107 30.45 -2.87 -2.26
C ILE A 107 31.09 -3.14 -0.90
N GLU A 108 30.58 -2.49 0.18
CA GLU A 108 31.09 -2.64 1.55
C GLU A 108 31.10 -4.08 2.03
N LYS A 109 30.04 -4.83 1.72
CA LYS A 109 30.00 -6.22 2.14
C LYS A 109 30.50 -7.20 1.06
N GLY A 110 31.25 -6.65 0.10
CA GLY A 110 31.89 -7.36 -1.01
C GLY A 110 31.03 -8.36 -1.74
N ILE A 111 29.99 -7.87 -2.44
CA ILE A 111 29.01 -8.68 -3.20
C ILE A 111 29.05 -8.32 -4.70
N TYR A 112 29.11 -9.34 -5.62
CA TYR A 112 29.17 -9.19 -7.10
C TYR A 112 27.86 -9.58 -7.81
N THR A 113 27.13 -10.60 -7.28
CA THR A 113 25.84 -11.06 -7.81
C THR A 113 24.70 -10.97 -6.75
N ILE A 114 23.45 -11.11 -7.19
CA ILE A 114 22.32 -11.12 -6.27
C ILE A 114 22.25 -12.49 -5.56
N PRO A 115 22.23 -13.62 -6.29
CA PRO A 115 22.21 -14.91 -5.56
C PRO A 115 23.27 -14.99 -4.46
N GLU A 116 24.41 -14.32 -4.68
CA GLU A 116 25.53 -14.24 -3.74
C GLU A 116 25.06 -13.47 -2.48
N PHE A 117 24.32 -12.35 -2.68
CA PHE A 117 23.75 -11.57 -1.58
C PHE A 117 22.70 -12.40 -0.80
N VAL A 118 21.93 -13.25 -1.52
CA VAL A 118 20.93 -14.13 -0.90
C VAL A 118 21.67 -15.13 -0.01
N GLU A 119 22.77 -15.70 -0.52
CA GLU A 119 23.60 -16.68 0.20
C GLU A 119 24.29 -16.06 1.41
N LYS A 120 24.87 -14.86 1.26
CA LYS A 120 25.59 -14.19 2.34
C LYS A 120 24.70 -13.61 3.44
N ARG A 121 23.46 -13.28 3.12
CA ARG A 121 22.55 -12.72 4.11
C ARG A 121 21.66 -13.80 4.70
N PHE A 122 21.28 -14.78 3.88
CA PHE A 122 20.40 -15.86 4.30
C PHE A 122 20.87 -17.29 4.19
N ASN A 123 20.59 -17.96 3.06
CA ASN A 123 20.98 -19.36 2.84
C ASN A 123 20.83 -19.90 1.41
N LYS A 124 21.47 -21.04 1.14
CA LYS A 124 21.36 -21.74 -0.13
C LYS A 124 19.93 -22.24 -0.40
N LYS A 125 19.17 -22.60 0.67
CA LYS A 125 17.79 -23.04 0.53
C LYS A 125 16.94 -21.91 -0.08
N LEU A 126 17.03 -20.68 0.49
CA LEU A 126 16.32 -19.51 -0.02
C LEU A 126 16.77 -19.22 -1.45
N LYS A 127 18.09 -19.33 -1.72
CA LYS A 127 18.72 -19.13 -3.03
C LYS A 127 18.10 -20.10 -4.06
N THR A 128 17.88 -21.38 -3.66
CA THR A 128 17.27 -22.41 -4.49
C THR A 128 15.78 -22.11 -4.75
N ILE A 129 15.03 -21.68 -3.70
CA ILE A 129 13.63 -21.28 -3.82
C ILE A 129 13.55 -20.12 -4.84
N LEU A 130 14.39 -19.08 -4.66
CA LEU A 130 14.40 -17.93 -5.57
C LEU A 130 14.81 -18.29 -6.99
N ALA A 131 15.70 -19.28 -7.16
CA ALA A 131 16.15 -19.76 -8.46
C ALA A 131 14.96 -20.34 -9.25
N VAL A 132 14.13 -21.19 -8.60
CA VAL A 132 12.94 -21.80 -9.18
C VAL A 132 11.94 -20.72 -9.64
N PHE A 133 11.82 -19.62 -8.87
CA PHE A 133 10.93 -18.49 -9.21
C PHE A 133 11.46 -17.77 -10.43
N TRP A 134 12.79 -17.49 -10.45
CA TRP A 134 13.46 -16.79 -11.55
C TRP A 134 13.45 -17.53 -12.89
N ILE A 135 13.64 -18.87 -12.85
CA ILE A 135 13.63 -19.72 -14.03
C ILE A 135 12.22 -19.65 -14.63
N SER A 136 11.18 -19.83 -13.77
CA SER A 136 9.76 -19.75 -14.13
C SER A 136 9.45 -18.43 -14.80
N LEU A 137 9.95 -17.34 -14.22
CA LEU A 137 9.79 -15.98 -14.71
C LEU A 137 10.41 -15.80 -16.09
N TYR A 138 11.65 -16.31 -16.28
CA TYR A 138 12.34 -16.20 -17.55
C TYR A 138 11.61 -16.92 -18.66
N ILE A 139 11.26 -18.20 -18.42
CA ILE A 139 10.56 -19.04 -19.38
C ILE A 139 9.16 -18.50 -19.70
N PHE A 140 8.26 -18.47 -18.70
CA PHE A 140 6.87 -18.10 -18.89
C PHE A 140 6.58 -16.64 -19.11
N VAL A 141 7.37 -15.74 -18.50
CA VAL A 141 7.11 -14.31 -18.70
C VAL A 141 8.04 -13.69 -19.74
N ASN A 142 9.31 -13.50 -19.38
CA ASN A 142 10.37 -12.86 -20.16
C ASN A 142 10.54 -13.35 -21.60
N LEU A 143 10.96 -14.62 -21.79
CA LEU A 143 11.22 -15.20 -23.11
C LEU A 143 9.95 -15.26 -23.98
N THR A 144 8.83 -15.68 -23.37
CA THR A 144 7.51 -15.79 -24.00
C THR A 144 7.13 -14.43 -24.61
N SER A 145 7.39 -13.35 -23.88
CA SER A 145 7.14 -11.98 -24.33
C SER A 145 7.99 -11.57 -25.51
N VAL A 146 9.33 -11.72 -25.41
CA VAL A 146 10.28 -11.33 -26.47
C VAL A 146 9.96 -12.03 -27.77
N LEU A 147 9.74 -13.37 -27.72
CA LEU A 147 9.36 -14.15 -28.88
C LEU A 147 8.11 -13.56 -29.51
N TYR A 148 7.06 -13.28 -28.70
CA TYR A 148 5.82 -12.67 -29.18
C TYR A 148 6.04 -11.27 -29.79
N LEU A 149 6.69 -10.33 -29.04
CA LEU A 149 6.95 -8.96 -29.50
C LEU A 149 7.81 -8.90 -30.77
N GLY A 150 8.76 -9.82 -30.89
CA GLY A 150 9.58 -9.94 -32.09
C GLY A 150 8.79 -10.57 -33.23
N GLY A 151 8.04 -11.63 -32.90
CA GLY A 151 7.21 -12.37 -33.83
C GLY A 151 6.10 -11.54 -34.44
N LEU A 152 5.61 -10.52 -33.70
CA LEU A 152 4.59 -9.60 -34.20
C LEU A 152 5.23 -8.68 -35.21
N ALA A 153 6.48 -8.25 -34.93
CA ALA A 153 7.24 -7.34 -35.79
C ALA A 153 7.53 -7.92 -37.17
N LEU A 154 7.95 -9.19 -37.25
CA LEU A 154 8.23 -9.82 -38.56
C LEU A 154 6.95 -10.06 -39.33
N GLU A 155 5.88 -10.43 -38.63
CA GLU A 155 4.56 -10.63 -39.22
C GLU A 155 4.09 -9.31 -39.85
N THR A 156 4.03 -8.23 -39.04
CA THR A 156 3.61 -6.88 -39.44
C THR A 156 4.54 -6.24 -40.49
N ILE A 157 5.83 -6.68 -40.59
CA ILE A 157 6.77 -6.15 -41.59
C ILE A 157 6.94 -7.10 -42.80
N LEU A 158 7.52 -8.28 -42.59
CA LEU A 158 7.77 -9.28 -43.64
C LEU A 158 6.49 -9.88 -44.23
N GLY A 159 5.55 -10.30 -43.38
CA GLY A 159 4.30 -10.90 -43.81
C GLY A 159 4.07 -12.34 -43.38
N ILE A 160 5.10 -12.96 -42.76
CA ILE A 160 5.10 -14.33 -42.26
C ILE A 160 4.12 -14.50 -41.07
N PRO A 161 3.27 -15.58 -41.01
CA PRO A 161 2.38 -15.75 -39.84
C PRO A 161 3.12 -15.82 -38.50
N LEU A 162 2.44 -15.48 -37.38
CA LEU A 162 3.01 -15.47 -36.04
C LEU A 162 3.68 -16.79 -35.63
N MET A 163 2.95 -17.93 -35.69
CA MET A 163 3.46 -19.26 -35.34
C MET A 163 4.81 -19.56 -36.00
N TYR A 164 4.94 -19.24 -37.29
CA TYR A 164 6.17 -19.40 -38.08
C TYR A 164 7.20 -18.32 -37.71
N SER A 165 6.73 -17.06 -37.60
CA SER A 165 7.53 -15.87 -37.26
C SER A 165 8.25 -16.02 -35.90
N ILE A 166 7.55 -16.55 -34.87
CA ILE A 166 8.13 -16.77 -33.54
C ILE A 166 9.16 -17.91 -33.61
N LEU A 167 8.82 -18.99 -34.32
CA LEU A 167 9.65 -20.18 -34.54
C LEU A 167 10.98 -19.84 -35.25
N GLY A 168 10.92 -18.90 -36.20
CA GLY A 168 12.07 -18.42 -36.97
C GLY A 168 13.13 -17.78 -36.10
N LEU A 169 12.66 -17.00 -35.09
CA LEU A 169 13.51 -16.32 -34.11
C LEU A 169 14.03 -17.34 -33.09
N ALA A 170 13.22 -18.38 -32.80
CA ALA A 170 13.55 -19.45 -31.87
C ALA A 170 14.64 -20.34 -32.46
N LEU A 171 14.54 -20.62 -33.78
CA LEU A 171 15.53 -21.42 -34.51
C LEU A 171 16.84 -20.64 -34.60
N PHE A 172 16.74 -19.30 -34.67
CA PHE A 172 17.84 -18.35 -34.75
C PHE A 172 18.59 -18.27 -33.43
N ALA A 173 17.85 -18.10 -32.31
CA ALA A 173 18.40 -18.00 -30.96
C ALA A 173 19.10 -19.30 -30.55
N LEU A 174 18.62 -20.44 -31.10
CA LEU A 174 19.15 -21.79 -30.87
C LEU A 174 20.56 -21.92 -31.47
N VAL A 175 20.83 -21.19 -32.57
CA VAL A 175 22.13 -21.19 -33.27
C VAL A 175 23.17 -20.45 -32.40
N TYR A 176 22.82 -19.26 -31.86
CA TYR A 176 23.67 -18.49 -30.94
C TYR A 176 23.85 -19.26 -29.63
N SER A 177 22.93 -20.22 -29.35
CA SER A 177 22.90 -21.03 -28.14
C SER A 177 23.87 -22.21 -28.18
N ILE A 178 23.63 -23.18 -29.05
CA ILE A 178 24.48 -24.38 -29.15
C ILE A 178 25.86 -24.05 -29.75
N TYR A 179 25.89 -23.26 -30.81
CA TYR A 179 27.15 -22.91 -31.44
C TYR A 179 27.49 -21.45 -31.26
N GLY A 180 26.56 -20.67 -30.75
CA GLY A 180 26.80 -19.25 -30.54
C GLY A 180 27.89 -18.94 -29.53
N GLY A 181 27.90 -19.68 -28.43
CA GLY A 181 28.90 -19.46 -27.40
C GLY A 181 29.04 -17.98 -27.09
N VAL A 185 31.48 -8.28 -28.33
CA VAL A 185 30.12 -8.25 -27.80
C VAL A 185 29.77 -6.87 -27.28
N VAL A 186 30.70 -5.93 -27.43
CA VAL A 186 30.49 -4.55 -26.96
C VAL A 186 30.17 -3.62 -28.14
N TRP A 187 30.99 -3.69 -29.21
CA TRP A 187 30.82 -2.88 -30.42
C TRP A 187 29.44 -3.14 -31.05
N THR A 188 29.03 -4.43 -31.09
CA THR A 188 27.73 -4.88 -31.60
C THR A 188 26.57 -4.25 -30.80
N ASP A 189 26.78 -4.01 -29.49
CA ASP A 189 25.79 -3.37 -28.62
C ASP A 189 25.69 -1.88 -28.91
N VAL A 190 26.85 -1.23 -29.15
CA VAL A 190 26.91 0.20 -29.46
C VAL A 190 26.23 0.44 -30.83
N ILE A 191 26.56 -0.42 -31.84
CA ILE A 191 25.94 -0.37 -33.17
C ILE A 191 24.44 -0.60 -33.02
N GLN A 192 24.04 -1.71 -32.33
CA GLN A 192 22.64 -2.07 -32.12
C GLN A 192 21.79 -0.97 -31.50
N VAL A 193 22.26 -0.36 -30.37
CA VAL A 193 21.58 0.74 -29.68
C VAL A 193 21.35 1.94 -30.63
N PHE A 194 22.41 2.32 -31.38
CA PHE A 194 22.40 3.40 -32.37
C PHE A 194 21.29 3.21 -33.40
N PHE A 195 21.20 2.02 -34.03
CA PHE A 195 20.16 1.79 -35.03
C PHE A 195 18.72 1.67 -34.48
N LEU A 196 18.58 1.28 -33.19
CA LEU A 196 17.29 1.21 -32.54
C LEU A 196 16.83 2.62 -32.20
N VAL A 197 17.78 3.47 -31.71
CA VAL A 197 17.51 4.87 -31.38
C VAL A 197 17.15 5.65 -32.67
N LEU A 198 18.03 5.59 -33.68
CA LEU A 198 17.82 6.27 -34.97
C LEU A 198 16.53 5.77 -35.62
N GLY A 199 16.34 4.45 -35.61
CA GLY A 199 15.14 3.78 -36.11
C GLY A 199 13.87 4.34 -35.48
N GLY A 200 13.88 4.43 -34.14
CA GLY A 200 12.78 5.00 -33.37
C GLY A 200 12.51 6.43 -33.78
N PHE A 201 13.55 7.28 -33.79
CA PHE A 201 13.45 8.69 -34.17
C PHE A 201 12.86 8.86 -35.57
N MET A 202 13.43 8.16 -36.57
CA MET A 202 12.97 8.24 -37.96
C MET A 202 11.50 7.89 -38.04
N THR A 203 11.10 6.80 -37.36
CA THR A 203 9.71 6.34 -37.29
C THR A 203 8.79 7.42 -36.73
N THR A 204 9.23 8.14 -35.68
CA THR A 204 8.47 9.24 -35.09
C THR A 204 8.34 10.41 -36.06
N TYR A 205 9.46 10.86 -36.64
CA TYR A 205 9.51 11.98 -37.57
C TYR A 205 8.63 11.70 -38.78
N MET A 206 8.67 10.46 -39.29
CA MET A 206 7.84 10.05 -40.42
C MET A 206 6.34 10.12 -40.07
N ALA A 207 5.97 9.62 -38.88
CA ALA A 207 4.61 9.58 -38.39
C ALA A 207 4.06 10.99 -38.13
N VAL A 208 4.82 11.79 -37.37
CA VAL A 208 4.44 13.15 -36.97
C VAL A 208 4.35 14.13 -38.16
N SER A 209 5.26 14.00 -39.16
CA SER A 209 5.23 14.85 -40.36
C SER A 209 4.00 14.52 -41.21
N PHE A 210 3.59 13.22 -41.21
CA PHE A 210 2.40 12.72 -41.91
C PHE A 210 1.14 13.28 -41.25
N ILE A 211 1.18 13.50 -39.92
CA ILE A 211 0.07 14.06 -39.16
C ILE A 211 -0.05 15.55 -39.53
N GLY A 212 1.09 16.24 -39.55
CA GLY A 212 1.18 17.65 -39.88
C GLY A 212 0.80 18.00 -41.29
N GLY A 213 1.01 17.06 -42.21
CA GLY A 213 0.69 17.23 -43.62
C GLY A 213 1.58 18.28 -44.27
N THR A 214 0.97 19.34 -44.81
CA THR A 214 1.70 20.43 -45.44
C THR A 214 2.22 21.48 -44.44
N ASP A 215 1.88 21.31 -43.15
CA ASP A 215 2.30 22.23 -42.10
C ASP A 215 3.57 21.78 -41.36
N GLY A 216 4.17 20.70 -41.85
CA GLY A 216 5.42 20.13 -41.32
C GLY A 216 5.30 19.32 -40.06
N TRP A 217 6.44 18.88 -39.53
CA TRP A 217 6.52 18.07 -38.30
C TRP A 217 5.97 18.81 -37.07
N PHE A 218 6.17 20.14 -36.99
CA PHE A 218 5.73 20.95 -35.85
C PHE A 218 4.23 20.89 -35.65
N ALA A 219 3.46 20.92 -36.75
CA ALA A 219 2.01 20.83 -36.70
C ALA A 219 1.60 19.46 -36.15
N GLY A 220 2.17 18.40 -36.68
CA GLY A 220 1.90 17.04 -36.24
C GLY A 220 2.02 16.78 -34.74
N VAL A 221 3.05 17.38 -34.09
CA VAL A 221 3.28 17.23 -32.63
C VAL A 221 2.10 17.89 -31.91
N SER A 222 1.79 19.13 -32.34
CA SER A 222 0.71 19.93 -31.82
C SER A 222 -0.65 19.29 -32.15
N LYS A 223 -0.77 18.69 -33.35
CA LYS A 223 -1.99 18.04 -33.82
C LYS A 223 -2.24 16.75 -33.05
N MET A 224 -1.17 15.99 -32.75
CA MET A 224 -1.35 14.76 -31.98
C MET A 224 -1.77 15.03 -30.54
N VAL A 225 -1.29 16.16 -29.96
CA VAL A 225 -1.68 16.57 -28.60
C VAL A 225 -3.13 17.13 -28.58
N ASP A 226 -3.62 17.60 -29.74
CA ASP A 226 -4.99 18.09 -29.87
C ASP A 226 -5.96 16.93 -30.11
N ALA A 227 -5.50 15.87 -30.83
CA ALA A 227 -6.28 14.69 -31.19
C ALA A 227 -6.43 13.67 -30.07
N ALA A 228 -5.39 13.52 -29.22
CA ALA A 228 -5.40 12.54 -28.15
C ALA A 228 -4.82 13.16 -26.86
N PRO A 229 -5.60 14.07 -26.19
CA PRO A 229 -5.10 14.70 -24.95
C PRO A 229 -4.99 13.72 -23.81
N GLY A 230 -5.81 12.66 -23.88
CA GLY A 230 -5.87 11.59 -22.88
C GLY A 230 -4.65 10.71 -22.93
N HIS A 231 -3.89 10.78 -24.05
CA HIS A 231 -2.67 10.06 -24.30
C HIS A 231 -1.47 10.86 -23.81
N PHE A 232 -1.72 12.07 -23.31
CA PHE A 232 -0.69 12.93 -22.74
C PHE A 232 -0.94 13.23 -21.26
N GLU A 233 -1.97 12.58 -20.70
CA GLU A 233 -2.41 12.63 -19.31
C GLU A 233 -1.48 11.69 -18.55
N MET A 234 -0.88 12.17 -17.43
CA MET A 234 0.09 11.42 -16.60
C MET A 234 -0.51 10.59 -15.46
N ILE A 235 -1.58 11.10 -14.81
CA ILE A 235 -2.25 10.42 -13.72
C ILE A 235 -3.67 10.11 -14.20
N LEU A 236 -4.02 8.81 -14.17
CA LEU A 236 -5.31 8.29 -14.66
C LEU A 236 -6.43 8.34 -13.64
N ASP A 237 -7.65 8.63 -14.15
CA ASP A 237 -8.90 8.65 -13.40
C ASP A 237 -9.39 7.22 -13.29
N GLN A 238 -10.30 6.95 -12.32
CA GLN A 238 -10.94 5.64 -12.14
C GLN A 238 -11.85 5.36 -13.34
N SER A 239 -12.40 6.44 -13.93
CA SER A 239 -13.29 6.38 -15.09
C SER A 239 -12.57 5.75 -16.29
N ASN A 240 -11.28 6.05 -16.43
CA ASN A 240 -10.43 5.59 -17.51
C ASN A 240 -10.32 4.06 -17.49
N PRO A 241 -10.64 3.37 -18.62
CA PRO A 241 -10.59 1.90 -18.65
C PRO A 241 -9.22 1.31 -18.35
N GLN A 242 -8.16 2.09 -18.62
CA GLN A 242 -6.77 1.72 -18.40
C GLN A 242 -6.29 1.91 -16.94
N TYR A 243 -7.15 2.47 -16.06
CA TYR A 243 -6.84 2.65 -14.65
C TYR A 243 -6.53 1.30 -14.02
N MET A 244 -7.21 0.24 -14.48
CA MET A 244 -7.00 -1.13 -14.01
C MET A 244 -5.53 -1.58 -14.21
N ASN A 245 -4.84 -0.94 -15.20
CA ASN A 245 -3.44 -1.19 -15.50
C ASN A 245 -2.54 -0.20 -14.75
N LEU A 246 -2.79 1.14 -14.88
CA LEU A 246 -2.03 2.18 -14.16
C LEU A 246 -2.97 2.92 -13.19
N PRO A 247 -3.11 2.44 -11.95
CA PRO A 247 -4.06 3.08 -11.04
C PRO A 247 -3.70 4.45 -10.45
N GLY A 248 -3.89 5.50 -11.23
CA GLY A 248 -3.69 6.90 -10.83
C GLY A 248 -2.41 7.24 -10.10
N ILE A 249 -2.52 7.75 -8.85
CA ILE A 249 -1.43 8.16 -7.95
C ILE A 249 -0.48 7.02 -7.49
N ALA A 250 -0.93 5.73 -7.56
CA ALA A 250 -0.14 4.54 -7.17
C ALA A 250 1.14 4.47 -7.98
N VAL A 251 1.19 5.32 -8.99
CA VAL A 251 2.34 5.46 -9.85
C VAL A 251 3.46 6.28 -9.14
N LEU A 252 3.08 7.11 -8.16
CA LEU A 252 3.99 7.94 -7.39
C LEU A 252 4.16 7.41 -5.99
N ILE A 253 3.14 6.72 -5.47
CA ILE A 253 3.14 6.23 -4.09
C ILE A 253 2.84 4.72 -3.90
N GLY A 254 2.64 3.97 -4.97
CA GLY A 254 2.25 2.57 -4.84
C GLY A 254 3.14 1.50 -5.42
N GLY A 255 2.48 0.49 -5.99
CA GLY A 255 3.04 -0.72 -6.58
C GLY A 255 4.16 -0.54 -7.59
N LEU A 256 4.20 0.63 -8.28
CA LEU A 256 5.28 0.95 -9.24
C LEU A 256 6.63 0.98 -8.50
N TRP A 257 6.63 1.34 -7.19
CA TRP A 257 7.86 1.24 -6.40
C TRP A 257 8.31 -0.21 -6.30
N VAL A 258 7.35 -1.17 -6.20
CA VAL A 258 7.66 -2.62 -6.13
C VAL A 258 8.34 -3.02 -7.43
N ALA A 259 7.75 -2.61 -8.56
CA ALA A 259 8.25 -2.88 -9.92
C ALA A 259 9.67 -2.35 -10.12
N ASN A 260 9.91 -1.07 -9.81
CA ASN A 260 11.21 -0.42 -9.97
C ASN A 260 12.32 -0.84 -8.99
N LEU A 261 12.01 -0.95 -7.68
CA LEU A 261 13.04 -1.35 -6.72
C LEU A 261 13.49 -2.76 -7.00
N TYR A 262 12.57 -3.65 -7.45
CA TYR A 262 12.96 -5.02 -7.80
C TYR A 262 13.84 -4.99 -9.05
N TYR A 263 13.49 -4.15 -10.03
CA TYR A 263 14.25 -4.04 -11.26
C TYR A 263 15.67 -3.45 -11.07
N TRP A 264 15.77 -2.21 -10.54
CA TRP A 264 17.02 -1.50 -10.34
C TRP A 264 17.78 -1.87 -9.08
N GLY A 265 17.08 -1.92 -7.96
CA GLY A 265 17.67 -2.19 -6.66
C GLY A 265 18.33 -3.54 -6.54
N PHE A 266 17.64 -4.62 -6.93
CA PHE A 266 18.23 -5.96 -6.76
C PHE A 266 18.66 -6.86 -7.93
N ASN A 267 17.78 -7.09 -8.91
CA ASN A 267 18.12 -8.00 -10.02
C ASN A 267 19.34 -7.50 -10.79
N GLN A 268 19.35 -6.19 -11.00
CA GLN A 268 20.40 -5.47 -11.71
C GLN A 268 21.67 -6.03 -11.00
N TYR A 269 22.39 -6.90 -11.72
CA TYR A 269 23.67 -7.49 -11.36
C TYR A 269 24.62 -6.51 -12.04
N ILE A 270 24.14 -5.91 -13.15
CA ILE A 270 24.80 -4.88 -13.96
C ILE A 270 25.10 -3.61 -13.13
N ILE A 271 24.25 -3.29 -12.11
CA ILE A 271 24.48 -2.10 -11.28
C ILE A 271 25.73 -2.24 -10.46
N GLN A 272 25.89 -3.40 -9.77
CA GLN A 272 27.13 -3.77 -9.04
C GLN A 272 28.28 -3.87 -10.06
N ARG A 273 28.06 -4.65 -11.15
CA ARG A 273 29.01 -4.88 -12.24
C ARG A 273 29.54 -3.65 -12.92
N THR A 274 28.68 -2.74 -13.39
CA THR A 274 29.18 -1.53 -14.02
C THR A 274 29.78 -0.56 -12.98
N LEU A 275 29.54 -0.85 -11.69
CA LEU A 275 30.09 -0.01 -10.63
C LEU A 275 31.48 -0.45 -10.23
N ALA A 276 31.71 -1.78 -10.04
CA ALA A 276 33.04 -2.28 -9.64
C ALA A 276 34.02 -2.03 -10.80
N ALA A 277 33.60 -1.15 -11.75
CA ALA A 277 34.32 -0.70 -12.92
C ALA A 277 34.91 0.74 -12.88
N LYS A 278 35.07 1.35 -11.66
CA LYS A 278 35.81 2.61 -11.36
C LYS A 278 36.07 2.91 -9.82
N SER A 279 35.58 4.06 -9.32
CA SER A 279 35.49 4.52 -7.94
C SER A 279 33.98 4.43 -7.65
N VAL A 280 33.57 4.35 -6.37
CA VAL A 280 32.13 4.31 -6.03
C VAL A 280 31.50 5.68 -6.40
N SER A 281 32.16 6.79 -5.96
CA SER A 281 31.79 8.18 -6.17
C SER A 281 31.52 8.43 -7.65
N GLU A 282 32.47 7.97 -8.50
CA GLU A 282 32.38 8.05 -9.96
C GLU A 282 31.17 7.30 -10.49
N ALA A 283 30.97 6.07 -10.00
CA ALA A 283 29.85 5.28 -10.48
C ALA A 283 28.50 5.77 -9.98
N GLN A 284 28.51 6.48 -8.84
CA GLN A 284 27.26 7.10 -8.32
C GLN A 284 26.86 8.22 -9.26
N LYS A 285 27.88 8.89 -9.87
CA LYS A 285 27.77 9.94 -10.90
C LYS A 285 27.13 9.30 -12.15
N GLY A 286 27.49 8.03 -12.41
CA GLY A 286 26.94 7.23 -13.49
C GLY A 286 25.47 6.91 -13.25
N ILE A 287 25.16 6.47 -12.00
CA ILE A 287 23.80 6.11 -11.55
C ILE A 287 22.87 7.30 -11.76
N VAL A 288 23.29 8.49 -11.25
CA VAL A 288 22.56 9.76 -11.35
C VAL A 288 22.41 10.20 -12.80
N PHE A 289 23.43 9.89 -13.63
CA PHE A 289 23.39 10.18 -15.06
C PHE A 289 22.35 9.26 -15.73
N ALA A 290 22.39 7.95 -15.38
CA ALA A 290 21.43 6.96 -15.88
C ALA A 290 20.01 7.39 -15.49
N ALA A 291 19.87 8.02 -14.29
CA ALA A 291 18.60 8.54 -13.79
C ALA A 291 18.10 9.71 -14.67
N PHE A 292 19.01 10.60 -15.10
CA PHE A 292 18.65 11.71 -15.99
C PHE A 292 18.25 11.18 -17.36
N LEU A 293 19.01 10.21 -17.89
CA LEU A 293 18.71 9.57 -19.19
C LEU A 293 17.42 8.77 -19.17
N ALA A 294 16.96 8.33 -17.98
CA ALA A 294 15.70 7.62 -17.80
C ALA A 294 14.50 8.54 -18.13
N LEU A 295 14.69 9.85 -18.03
CA LEU A 295 13.64 10.79 -18.33
C LEU A 295 13.45 10.93 -19.85
N ILE A 296 14.54 10.72 -20.62
CA ILE A 296 14.49 10.86 -22.08
C ILE A 296 13.92 9.61 -22.77
N VAL A 297 14.23 8.42 -22.26
CA VAL A 297 13.83 7.18 -22.93
C VAL A 297 12.37 7.08 -23.36
N PRO A 298 11.41 7.44 -22.53
CA PRO A 298 10.01 7.38 -23.04
C PRO A 298 9.71 8.25 -24.28
N PHE A 299 10.49 9.33 -24.51
CA PHE A 299 10.26 10.16 -25.70
C PHE A 299 10.69 9.42 -26.98
N LEU A 300 11.45 8.31 -26.84
CA LEU A 300 11.90 7.45 -27.93
C LEU A 300 11.05 6.19 -28.09
N VAL A 301 10.70 5.52 -27.00
CA VAL A 301 10.01 4.21 -27.01
C VAL A 301 8.49 4.26 -26.90
N VAL A 302 7.97 5.26 -26.19
CA VAL A 302 6.53 5.40 -25.98
C VAL A 302 5.91 6.13 -27.15
N LEU A 303 6.36 7.37 -27.40
CA LEU A 303 5.92 8.29 -28.45
C LEU A 303 5.48 7.67 -29.79
N PRO A 304 6.25 6.71 -30.41
CA PRO A 304 5.78 6.10 -31.68
C PRO A 304 4.37 5.54 -31.56
N GLY A 305 4.09 4.90 -30.42
CA GLY A 305 2.78 4.35 -30.10
C GLY A 305 1.67 5.38 -30.08
N ILE A 306 1.93 6.58 -29.51
CA ILE A 306 0.93 7.66 -29.47
C ILE A 306 0.63 8.11 -30.88
N ALA A 307 1.71 8.40 -31.67
CA ALA A 307 1.64 8.80 -33.08
C ALA A 307 0.78 7.79 -33.84
N ALA A 308 1.09 6.47 -33.67
CA ALA A 308 0.33 5.37 -34.26
C ALA A 308 -1.15 5.48 -33.89
N TYR A 309 -1.49 5.69 -32.59
CA TYR A 309 -2.88 5.87 -32.15
C TYR A 309 -3.58 7.00 -32.91
N VAL A 310 -2.97 8.20 -32.87
CA VAL A 310 -3.47 9.42 -33.52
C VAL A 310 -3.79 9.19 -35.00
N ILE A 311 -2.89 8.51 -35.74
CA ILE A 311 -3.06 8.19 -37.17
C ILE A 311 -4.21 7.19 -37.35
N THR A 312 -4.10 6.03 -36.64
CA THR A 312 -5.04 4.91 -36.63
C THR A 312 -6.51 5.36 -36.40
N SER A 313 -6.69 6.31 -35.47
CA SER A 313 -8.00 6.84 -35.08
C SER A 313 -8.57 7.95 -36.00
N ASP A 314 -7.77 8.41 -36.96
CA ASP A 314 -8.20 9.43 -37.93
C ASP A 314 -8.69 8.74 -39.23
N PRO A 315 -9.97 8.92 -39.64
CA PRO A 315 -10.44 8.24 -40.85
C PRO A 315 -9.97 8.89 -42.14
N GLN A 316 -9.65 10.21 -42.08
CA GLN A 316 -9.12 10.96 -43.21
C GLN A 316 -7.68 10.53 -43.44
N LEU A 317 -6.88 10.43 -42.37
CA LEU A 317 -5.50 9.98 -42.42
C LEU A 317 -5.38 8.52 -42.84
N MET A 318 -6.35 7.67 -42.44
CA MET A 318 -6.35 6.25 -42.81
C MET A 318 -6.68 6.02 -44.29
N ALA A 319 -7.68 6.76 -44.81
CA ALA A 319 -8.12 6.72 -46.20
C ALA A 319 -6.99 7.23 -47.12
N SER A 320 -6.13 8.11 -46.58
CA SER A 320 -4.97 8.70 -47.24
C SER A 320 -3.97 7.61 -47.66
N LEU A 321 -3.73 6.63 -46.76
CA LEU A 321 -2.81 5.50 -46.95
C LEU A 321 -3.34 4.46 -47.94
N GLY A 322 -4.64 4.12 -47.84
CA GLY A 322 -5.34 3.18 -48.70
C GLY A 322 -5.00 1.70 -48.54
N ASN A 328 -3.05 -5.34 -40.70
CA ASN A 328 -1.99 -5.45 -39.67
C ASN A 328 -1.96 -4.33 -38.64
N LEU A 329 -3.07 -3.58 -38.53
CA LEU A 329 -3.27 -2.42 -37.65
C LEU A 329 -3.19 -2.67 -36.13
N PRO A 330 -2.60 -1.73 -35.35
CA PRO A 330 -2.72 -1.86 -33.90
C PRO A 330 -4.20 -1.74 -33.49
N SER A 331 -4.64 -2.61 -32.58
CA SER A 331 -6.00 -2.65 -32.05
C SER A 331 -5.85 -2.72 -30.52
N ALA A 332 -6.95 -2.73 -29.74
CA ALA A 332 -6.79 -2.84 -28.29
C ALA A 332 -6.15 -4.19 -27.92
N ALA A 333 -6.60 -5.29 -28.61
CA ALA A 333 -6.15 -6.67 -28.43
C ALA A 333 -4.77 -6.92 -29.04
N ASN A 334 -4.33 -6.03 -29.93
CA ASN A 334 -3.02 -6.13 -30.60
C ASN A 334 -2.33 -4.78 -30.59
N ALA A 335 -2.21 -4.18 -29.40
CA ALA A 335 -1.59 -2.86 -29.20
C ALA A 335 -0.12 -2.83 -29.64
N ASP A 336 0.61 -3.93 -29.43
CA ASP A 336 2.01 -4.05 -29.79
C ASP A 336 2.31 -4.10 -31.30
N LYS A 337 1.27 -4.05 -32.14
CA LYS A 337 1.44 -4.00 -33.58
C LYS A 337 1.77 -2.55 -34.05
N ALA A 338 1.61 -1.54 -33.15
CA ALA A 338 1.82 -0.11 -33.39
C ALA A 338 3.17 0.29 -33.97
N TYR A 339 4.28 -0.03 -33.27
CA TYR A 339 5.62 0.29 -33.75
C TYR A 339 5.96 -0.47 -35.04
N PRO A 340 5.77 -1.81 -35.13
CA PRO A 340 6.05 -2.50 -36.39
C PRO A 340 5.15 -2.02 -37.54
N TRP A 341 3.93 -1.54 -37.24
CA TRP A 341 3.02 -0.99 -38.26
C TRP A 341 3.60 0.28 -38.87
N LEU A 342 4.08 1.24 -38.03
CA LEU A 342 4.68 2.48 -38.50
C LEU A 342 5.95 2.28 -39.31
N THR A 343 6.89 1.42 -38.83
CA THR A 343 8.17 1.10 -39.49
C THR A 343 8.00 0.58 -40.93
N GLN A 344 6.85 0.05 -41.27
CA GLN A 344 6.69 -0.41 -42.62
C GLN A 344 6.57 0.79 -43.56
N PHE A 345 5.96 1.85 -43.06
CA PHE A 345 5.73 3.09 -43.83
C PHE A 345 7.08 3.82 -44.16
N LEU A 346 8.20 3.39 -43.50
CA LEU A 346 9.59 3.91 -43.67
C LEU A 346 10.13 3.94 -45.13
N PRO A 347 11.11 4.84 -45.49
CA PRO A 347 11.62 4.85 -46.88
C PRO A 347 12.46 3.63 -47.21
N VAL A 348 12.94 3.48 -48.45
CA VAL A 348 13.66 2.25 -48.89
C VAL A 348 14.96 1.71 -48.26
N GLY A 349 15.96 2.55 -48.04
CA GLY A 349 17.20 2.15 -47.39
C GLY A 349 17.07 2.01 -45.89
N VAL A 350 16.36 3.00 -45.38
CA VAL A 350 15.98 3.27 -43.99
C VAL A 350 15.14 2.12 -43.44
N LYS A 351 14.22 1.56 -44.26
CA LYS A 351 13.37 0.44 -43.83
C LYS A 351 14.16 -0.81 -43.49
N GLY A 352 15.10 -1.15 -44.36
CA GLY A 352 15.95 -2.34 -44.20
C GLY A 352 16.74 -2.34 -42.91
N VAL A 353 17.47 -1.23 -42.65
CA VAL A 353 18.34 -1.02 -41.48
C VAL A 353 17.58 -1.07 -40.16
N VAL A 354 16.42 -0.35 -40.09
CA VAL A 354 15.55 -0.28 -38.92
C VAL A 354 15.01 -1.68 -38.61
N PHE A 355 14.51 -2.38 -39.65
CA PHE A 355 14.00 -3.74 -39.50
C PHE A 355 15.12 -4.70 -39.08
N ALA A 356 16.30 -4.56 -39.69
CA ALA A 356 17.46 -5.38 -39.38
C ALA A 356 17.82 -5.25 -37.90
N ALA A 357 17.95 -3.98 -37.41
CA ALA A 357 18.31 -3.68 -36.02
C ALA A 357 17.34 -4.35 -35.02
N LEU A 358 16.02 -4.27 -35.28
CA LEU A 358 15.01 -4.86 -34.43
C LEU A 358 15.14 -6.38 -34.32
N ALA A 359 15.26 -7.06 -35.50
CA ALA A 359 15.45 -8.51 -35.59
C ALA A 359 16.71 -8.97 -34.84
N ALA A 360 17.86 -8.28 -35.07
CA ALA A 360 19.14 -8.58 -34.40
C ALA A 360 19.00 -8.38 -32.89
N ALA A 361 18.32 -7.29 -32.50
CA ALA A 361 18.07 -6.95 -31.11
C ALA A 361 17.22 -8.01 -30.42
N ILE A 362 16.12 -8.47 -31.07
CA ILE A 362 15.24 -9.51 -30.52
C ILE A 362 16.06 -10.77 -30.27
N VAL A 363 16.87 -11.20 -31.28
CA VAL A 363 17.70 -12.39 -31.21
C VAL A 363 18.78 -12.26 -30.12
N SER A 364 19.47 -11.11 -30.07
CA SER A 364 20.46 -10.83 -29.03
C SER A 364 19.81 -10.86 -27.63
N SER A 365 18.58 -10.29 -27.50
CA SER A 365 17.85 -10.27 -26.23
C SER A 365 17.49 -11.67 -25.80
N LEU A 366 17.09 -12.54 -26.76
CA LEU A 366 16.71 -13.92 -26.48
C LEU A 366 17.91 -14.70 -25.99
N ALA A 367 19.05 -14.61 -26.71
CA ALA A 367 20.31 -15.29 -26.34
C ALA A 367 20.76 -14.94 -24.91
N SER A 368 20.75 -13.63 -24.58
CA SER A 368 21.09 -13.04 -23.29
C SER A 368 20.21 -13.67 -22.18
N MET A 369 18.88 -13.70 -22.39
CA MET A 369 17.87 -14.28 -21.48
C MET A 369 18.04 -15.80 -21.32
N LEU A 370 18.29 -16.49 -22.46
CA LEU A 370 18.49 -17.93 -22.50
C LEU A 370 19.74 -18.31 -21.73
N ASN A 371 20.77 -17.46 -21.76
CA ASN A 371 22.00 -17.71 -21.04
C ASN A 371 21.76 -17.60 -19.52
N SER A 372 21.06 -16.54 -19.10
CA SER A 372 20.72 -16.25 -17.70
C SER A 372 19.93 -17.37 -17.08
N THR A 373 18.93 -17.88 -17.81
CA THR A 373 18.07 -18.99 -17.37
C THR A 373 18.91 -20.24 -17.17
N ALA A 374 19.81 -20.51 -18.15
CA ALA A 374 20.70 -21.65 -18.17
C ALA A 374 21.71 -21.60 -17.03
N THR A 375 22.31 -20.42 -16.75
CA THR A 375 23.28 -20.26 -15.65
C THR A 375 22.62 -20.48 -14.29
N ILE A 376 21.41 -19.95 -14.07
CA ILE A 376 20.66 -20.12 -12.83
C ILE A 376 20.39 -21.60 -12.62
N PHE A 377 19.88 -22.31 -13.64
CA PHE A 377 19.63 -23.74 -13.52
C PHE A 377 20.92 -24.53 -13.25
N THR A 378 21.99 -24.29 -14.01
CA THR A 378 23.24 -25.04 -13.84
C THR A 378 23.94 -24.79 -12.54
N MET A 379 24.02 -23.53 -12.10
CA MET A 379 24.72 -23.17 -10.89
C MET A 379 23.95 -23.45 -9.62
N ASP A 380 22.76 -22.87 -9.52
CA ASP A 380 21.92 -22.94 -8.34
C ASP A 380 21.06 -24.20 -8.19
N ILE A 381 20.87 -24.98 -9.27
CA ILE A 381 20.07 -26.21 -9.24
C ILE A 381 20.91 -27.45 -9.56
N TYR A 382 21.56 -27.46 -10.75
CA TYR A 382 22.34 -28.61 -11.22
C TYR A 382 23.59 -28.91 -10.42
N LYS A 383 24.54 -27.97 -10.38
CA LYS A 383 25.79 -28.11 -9.66
C LYS A 383 25.53 -28.31 -8.18
N GLU A 384 24.60 -27.54 -7.62
CA GLU A 384 24.22 -27.59 -6.22
C GLU A 384 23.60 -28.91 -5.76
N TYR A 385 22.76 -29.53 -6.61
CA TYR A 385 22.03 -30.74 -6.23
C TYR A 385 22.24 -31.98 -7.07
N ILE A 386 22.15 -31.85 -8.41
CA ILE A 386 22.26 -32.97 -9.36
C ILE A 386 23.66 -33.58 -9.42
N SER A 387 24.69 -32.75 -9.67
CA SER A 387 26.06 -33.25 -9.75
C SER A 387 27.06 -32.25 -9.09
N PRO A 388 27.16 -32.26 -7.74
CA PRO A 388 28.05 -31.31 -7.02
C PRO A 388 29.44 -30.95 -7.58
N ASP A 389 30.08 -31.89 -8.30
CA ASP A 389 31.34 -31.59 -8.96
C ASP A 389 31.41 -32.14 -10.37
N SER A 390 30.84 -31.33 -11.28
CA SER A 390 30.77 -31.58 -12.71
C SER A 390 31.99 -30.99 -13.40
N GLY A 391 32.41 -29.82 -12.93
CA GLY A 391 33.51 -29.09 -13.54
C GLY A 391 32.98 -28.19 -14.63
N ASP A 392 33.59 -27.02 -14.82
CA ASP A 392 33.06 -26.03 -15.76
C ASP A 392 32.77 -26.53 -17.17
N HIS A 393 33.62 -27.38 -17.73
CA HIS A 393 33.35 -27.88 -19.08
C HIS A 393 32.00 -28.59 -19.21
N LYS A 394 31.68 -29.53 -18.28
CA LYS A 394 30.41 -30.27 -18.23
C LYS A 394 29.25 -29.31 -18.05
N LEU A 395 29.38 -28.40 -17.08
CA LEU A 395 28.39 -27.40 -16.73
C LEU A 395 27.93 -26.55 -17.91
N VAL A 396 28.87 -26.16 -18.81
CA VAL A 396 28.57 -25.36 -20.00
C VAL A 396 27.67 -26.16 -20.94
N ASN A 397 28.02 -27.45 -21.17
CA ASN A 397 27.23 -28.38 -21.99
C ASN A 397 25.86 -28.60 -21.37
N VAL A 398 25.79 -28.66 -20.02
CA VAL A 398 24.53 -28.80 -19.26
C VAL A 398 23.68 -27.54 -19.47
N GLY A 399 24.33 -26.38 -19.47
CA GLY A 399 23.72 -25.07 -19.68
C GLY A 399 23.12 -24.91 -21.07
N ARG A 400 23.85 -25.40 -22.11
CA ARG A 400 23.38 -25.36 -23.49
C ARG A 400 22.10 -26.19 -23.62
N THR A 401 22.06 -27.36 -22.94
CA THR A 401 20.90 -28.25 -22.89
C THR A 401 19.72 -27.55 -22.21
N ALA A 402 20.01 -26.82 -21.10
CA ALA A 402 19.03 -26.05 -20.34
C ALA A 402 18.44 -24.93 -21.20
N ALA A 403 19.30 -24.20 -21.95
CA ALA A 403 18.86 -23.12 -22.85
C ALA A 403 17.87 -23.65 -23.91
N VAL A 404 18.22 -24.77 -24.57
CA VAL A 404 17.39 -25.41 -25.59
C VAL A 404 16.02 -25.77 -25.01
N VAL A 405 15.99 -26.43 -23.83
CA VAL A 405 14.76 -26.84 -23.14
C VAL A 405 13.86 -25.63 -22.83
N ALA A 406 14.44 -24.58 -22.19
CA ALA A 406 13.75 -23.33 -21.86
C ALA A 406 13.20 -22.66 -23.12
N LEU A 407 14.01 -22.66 -24.21
CA LEU A 407 13.61 -22.10 -25.50
C LEU A 407 12.44 -22.86 -26.09
N ILE A 408 12.50 -24.20 -26.15
CA ILE A 408 11.38 -24.99 -26.70
C ILE A 408 10.09 -24.79 -25.88
N ILE A 409 10.21 -24.64 -24.55
CA ILE A 409 9.06 -24.41 -23.67
C ILE A 409 8.47 -23.01 -23.96
N ALA A 410 9.32 -21.95 -23.93
CA ALA A 410 8.90 -20.57 -24.21
C ALA A 410 8.32 -20.43 -25.61
N ALA A 411 8.93 -21.13 -26.61
CA ALA A 411 8.48 -21.13 -28.01
C ALA A 411 7.11 -21.78 -28.17
N LEU A 412 6.78 -22.80 -27.36
CA LEU A 412 5.47 -23.46 -27.42
C LEU A 412 4.39 -22.60 -26.76
N ILE A 413 4.78 -21.77 -25.78
CA ILE A 413 3.84 -20.89 -25.08
C ILE A 413 3.61 -19.57 -25.83
N ALA A 414 4.69 -18.82 -26.18
CA ALA A 414 4.65 -17.53 -26.90
C ALA A 414 3.53 -17.26 -27.93
N PRO A 415 3.01 -18.26 -28.73
CA PRO A 415 1.89 -17.96 -29.65
C PRO A 415 0.63 -17.62 -28.88
N MET A 416 0.40 -18.17 -27.71
CA MET A 416 -0.81 -17.86 -26.96
C MET A 416 -0.92 -16.40 -26.51
N LEU A 417 0.19 -15.67 -26.50
CA LEU A 417 0.22 -14.30 -26.02
C LEU A 417 -0.31 -13.41 -27.12
N GLY A 418 -0.91 -13.99 -28.14
CA GLY A 418 -1.40 -13.23 -29.28
C GLY A 418 -2.41 -12.10 -29.16
N GLY A 419 -3.44 -12.25 -28.36
CA GLY A 419 -4.43 -11.18 -28.24
C GLY A 419 -4.42 -10.53 -26.87
N ILE A 420 -3.30 -10.61 -26.19
CA ILE A 420 -3.19 -10.07 -24.82
C ILE A 420 -3.29 -8.54 -24.69
N GLY A 421 -3.40 -7.83 -25.81
CA GLY A 421 -3.47 -6.38 -25.78
C GLY A 421 -2.09 -5.77 -25.67
N GLN A 422 -1.72 -5.37 -24.45
CA GLN A 422 -0.41 -4.80 -24.16
C GLN A 422 0.48 -5.87 -23.55
N CYS A 423 1.62 -6.20 -24.17
CA CYS A 423 2.51 -7.19 -23.60
C CYS A 423 3.30 -6.67 -22.38
N PHE A 424 3.54 -5.35 -22.35
CA PHE A 424 4.24 -4.70 -21.24
C PHE A 424 3.45 -4.92 -19.96
N GLN A 425 2.08 -4.84 -20.04
CA GLN A 425 1.18 -5.10 -18.92
C GLN A 425 1.26 -6.58 -18.49
N TYR A 426 1.41 -7.52 -19.46
CA TYR A 426 1.58 -8.94 -19.12
C TYR A 426 2.91 -9.17 -18.37
N ILE A 427 3.99 -8.51 -18.86
CA ILE A 427 5.31 -8.52 -18.21
C ILE A 427 5.18 -7.92 -16.82
N GLN A 428 4.39 -6.86 -16.70
CA GLN A 428 4.17 -6.24 -15.43
C GLN A 428 3.45 -7.07 -14.38
N GLU A 429 2.26 -7.50 -14.75
CA GLU A 429 1.38 -8.30 -13.93
C GLU A 429 1.99 -9.62 -13.44
N TYR A 430 2.64 -10.39 -14.32
CA TYR A 430 3.09 -11.69 -13.86
C TYR A 430 4.44 -11.74 -13.21
N THR A 431 5.23 -10.67 -13.39
CA THR A 431 6.49 -10.56 -12.66
C THR A 431 6.04 -10.23 -11.22
N GLY A 432 5.01 -9.40 -11.09
CA GLY A 432 4.42 -9.01 -9.82
C GLY A 432 3.86 -10.17 -9.01
N LEU A 433 3.70 -11.38 -9.61
CA LEU A 433 3.25 -12.53 -8.84
C LEU A 433 4.39 -12.88 -7.90
N VAL A 434 5.60 -12.48 -8.28
CA VAL A 434 6.82 -12.82 -7.59
C VAL A 434 7.76 -11.63 -7.25
N SER A 435 7.64 -10.48 -7.93
CA SER A 435 8.45 -9.30 -7.60
C SER A 435 8.22 -8.86 -6.12
N PRO A 436 6.95 -8.80 -5.58
CA PRO A 436 6.80 -8.24 -4.23
C PRO A 436 7.33 -9.09 -3.09
N GLY A 437 7.22 -10.42 -3.24
CA GLY A 437 7.71 -11.35 -2.22
C GLY A 437 9.22 -11.27 -2.13
N ILE A 438 9.87 -11.45 -3.28
CA ILE A 438 11.32 -11.40 -3.44
C ILE A 438 11.83 -10.01 -3.04
N LEU A 439 11.08 -8.93 -3.36
CA LEU A 439 11.51 -7.58 -2.95
C LEU A 439 11.48 -7.38 -1.43
N ALA A 440 10.54 -8.04 -0.73
CA ALA A 440 10.44 -7.94 0.72
C ALA A 440 11.62 -8.63 1.38
N VAL A 441 12.00 -9.86 0.92
CA VAL A 441 13.16 -10.58 1.48
C VAL A 441 14.45 -9.78 1.31
N PHE A 442 14.57 -9.13 0.18
CA PHE A 442 15.70 -8.31 -0.21
C PHE A 442 15.82 -7.02 0.61
N LEU A 443 14.71 -6.25 0.76
CA LEU A 443 14.67 -5.01 1.54
C LEU A 443 14.93 -5.26 3.02
N LEU A 444 14.41 -6.40 3.55
CA LEU A 444 14.59 -6.73 4.96
C LEU A 444 15.97 -7.32 5.22
N GLY A 445 16.54 -8.00 4.23
CA GLY A 445 17.89 -8.52 4.31
C GLY A 445 18.89 -7.38 4.33
N LEU A 446 18.59 -6.35 3.53
CA LEU A 446 19.43 -5.17 3.42
C LEU A 446 19.34 -4.26 4.61
N PHE A 447 18.13 -4.08 5.17
CA PHE A 447 17.94 -3.12 6.26
C PHE A 447 17.58 -3.64 7.65
N TRP A 448 16.77 -4.69 7.75
CA TRP A 448 16.28 -5.29 8.99
C TRP A 448 17.27 -6.37 9.47
N LYS A 449 18.16 -6.00 10.44
CA LYS A 449 19.17 -6.90 11.00
C LYS A 449 18.57 -8.18 11.61
N LYS A 450 17.33 -8.06 12.14
CA LYS A 450 16.56 -9.15 12.76
C LYS A 450 16.14 -10.25 11.79
N THR A 451 15.93 -9.92 10.47
CA THR A 451 15.51 -10.89 9.44
C THR A 451 16.38 -12.15 9.44
N THR A 452 15.73 -13.31 9.48
CA THR A 452 16.38 -14.62 9.45
C THR A 452 16.00 -15.32 8.17
N SER A 453 16.68 -16.44 7.85
CA SER A 453 16.40 -17.23 6.67
C SER A 453 15.05 -17.88 6.82
N LYS A 454 14.75 -18.42 8.04
CA LYS A 454 13.47 -19.07 8.34
C LYS A 454 12.31 -18.16 8.01
N GLY A 455 12.41 -16.88 8.43
CA GLY A 455 11.45 -15.83 8.14
C GLY A 455 11.34 -15.64 6.64
N ALA A 456 12.48 -15.28 5.99
CA ALA A 456 12.59 -15.05 4.54
C ALA A 456 11.94 -16.16 3.69
N ILE A 457 12.25 -17.43 4.01
CA ILE A 457 11.68 -18.59 3.34
C ILE A 457 10.17 -18.67 3.62
N ILE A 458 9.76 -18.56 4.90
CA ILE A 458 8.34 -18.60 5.29
C ILE A 458 7.47 -17.52 4.57
N GLY A 459 7.99 -16.30 4.50
CA GLY A 459 7.29 -15.20 3.84
C GLY A 459 7.24 -15.31 2.34
N VAL A 460 8.40 -15.57 1.68
CA VAL A 460 8.47 -15.70 0.22
C VAL A 460 7.54 -16.80 -0.29
N VAL A 461 7.46 -17.93 0.44
CA VAL A 461 6.55 -19.01 0.10
C VAL A 461 5.11 -18.49 0.28
N ALA A 462 4.75 -17.94 1.46
CA ALA A 462 3.40 -17.39 1.73
C ALA A 462 2.94 -16.30 0.74
N SER A 463 3.91 -15.56 0.16
CA SER A 463 3.73 -14.47 -0.81
C SER A 463 2.97 -14.92 -2.08
N ILE A 464 3.25 -16.17 -2.56
CA ILE A 464 2.62 -16.72 -3.77
C ILE A 464 1.11 -17.03 -3.60
N PRO A 465 0.67 -17.83 -2.59
CA PRO A 465 -0.78 -18.04 -2.40
C PRO A 465 -1.51 -16.72 -2.13
N PHE A 466 -0.83 -15.74 -1.46
CA PHE A 466 -1.46 -14.48 -1.17
C PHE A 466 -1.68 -13.69 -2.45
N ALA A 467 -0.58 -13.45 -3.24
CA ALA A 467 -0.61 -12.74 -4.53
C ALA A 467 -1.69 -13.37 -5.46
N LEU A 468 -1.74 -14.72 -5.51
CA LEU A 468 -2.71 -15.43 -6.32
C LEU A 468 -4.12 -15.15 -5.82
N PHE A 469 -4.35 -15.17 -4.48
CA PHE A 469 -5.65 -14.89 -3.88
C PHE A 469 -6.18 -13.55 -4.41
N LEU A 470 -5.35 -12.49 -4.39
CA LEU A 470 -5.70 -11.17 -4.91
C LEU A 470 -6.08 -11.11 -6.40
N LYS A 471 -5.44 -11.90 -7.32
CA LYS A 471 -5.86 -11.90 -8.73
C LYS A 471 -7.16 -12.69 -8.91
N PHE A 472 -7.17 -13.97 -8.49
CA PHE A 472 -8.26 -14.89 -8.70
C PHE A 472 -9.55 -14.64 -7.92
N MET A 473 -9.45 -13.79 -6.90
CA MET A 473 -10.58 -13.39 -6.07
C MET A 473 -11.36 -12.30 -6.84
N PRO A 474 -12.72 -12.29 -6.79
CA PRO A 474 -13.47 -11.25 -7.51
C PRO A 474 -13.42 -9.90 -6.78
N LEU A 475 -12.24 -9.27 -6.77
CA LEU A 475 -12.04 -8.00 -6.06
C LEU A 475 -11.95 -6.79 -6.97
N SER A 476 -11.74 -7.01 -8.28
CA SER A 476 -11.58 -5.94 -9.28
C SER A 476 -10.57 -4.88 -8.80
N MET A 477 -9.38 -5.40 -8.41
CA MET A 477 -8.25 -4.64 -7.90
C MET A 477 -7.12 -4.54 -8.92
N PRO A 478 -6.63 -3.31 -9.22
CA PRO A 478 -5.48 -3.20 -10.15
C PRO A 478 -4.27 -4.05 -9.70
N PHE A 479 -3.59 -4.75 -10.64
CA PHE A 479 -2.46 -5.61 -10.28
C PHE A 479 -1.41 -4.87 -9.49
N MET A 480 -1.08 -3.60 -9.89
CA MET A 480 -0.15 -2.70 -9.19
C MET A 480 -0.54 -2.59 -7.73
N ASP A 481 -1.86 -2.34 -7.47
CA ASP A 481 -2.43 -2.29 -6.12
C ASP A 481 -2.15 -3.63 -5.37
N GLN A 482 -2.39 -4.78 -6.04
CA GLN A 482 -2.11 -6.11 -5.50
C GLN A 482 -0.64 -6.27 -5.12
N MET A 483 0.25 -5.78 -6.01
CA MET A 483 1.70 -5.83 -5.83
C MET A 483 2.09 -5.16 -4.53
N LEU A 484 1.55 -3.93 -4.25
CA LEU A 484 1.83 -3.20 -3.00
C LEU A 484 1.38 -4.01 -1.80
N TYR A 485 0.17 -4.62 -1.90
CA TYR A 485 -0.39 -5.48 -0.86
C TYR A 485 0.44 -6.73 -0.67
N THR A 486 0.91 -7.36 -1.75
CA THR A 486 1.73 -8.57 -1.65
C THR A 486 3.04 -8.27 -0.93
N LEU A 487 3.70 -7.16 -1.31
CA LEU A 487 4.92 -6.70 -0.66
C LEU A 487 4.68 -6.59 0.86
N LEU A 488 3.72 -5.71 1.27
CA LEU A 488 3.33 -5.45 2.66
C LEU A 488 3.03 -6.71 3.45
N PHE A 489 2.28 -7.64 2.85
CA PHE A 489 1.94 -8.90 3.46
C PHE A 489 3.21 -9.70 3.76
N THR A 490 4.12 -9.80 2.78
CA THR A 490 5.38 -10.54 2.93
C THR A 490 6.21 -9.94 4.06
N MET A 491 6.44 -8.60 4.03
CA MET A 491 7.17 -7.87 5.07
C MET A 491 6.63 -8.23 6.47
N VAL A 492 5.30 -8.17 6.65
CA VAL A 492 4.62 -8.49 7.92
C VAL A 492 4.88 -9.96 8.31
N VAL A 493 4.76 -10.89 7.35
CA VAL A 493 4.99 -12.30 7.60
C VAL A 493 6.45 -12.54 7.97
N ILE A 494 7.40 -12.08 7.18
CA ILE A 494 8.80 -12.28 7.51
C ILE A 494 9.19 -11.63 8.84
N ALA A 495 8.64 -10.45 9.11
CA ALA A 495 8.93 -9.72 10.35
C ALA A 495 8.46 -10.48 11.57
N PHE A 496 7.17 -10.90 11.60
CA PHE A 496 6.67 -11.65 12.74
C PHE A 496 7.40 -12.96 12.94
N THR A 497 7.59 -13.73 11.85
CA THR A 497 8.29 -15.01 11.84
C THR A 497 9.71 -14.86 12.38
N SER A 498 10.48 -13.93 11.84
CA SER A 498 11.84 -13.74 12.32
C SER A 498 11.88 -13.29 13.77
N LEU A 499 10.97 -12.37 14.18
CA LEU A 499 10.87 -11.91 15.58
C LEU A 499 10.59 -13.05 16.56
N SER A 500 9.70 -13.98 16.18
CA SER A 500 9.35 -15.11 17.03
C SER A 500 10.25 -16.35 16.90
N THR A 501 11.24 -16.32 16.01
CA THR A 501 12.17 -17.44 15.83
C THR A 501 13.65 -17.12 16.08
N SER A 502 14.12 -15.88 15.77
CA SER A 502 15.53 -15.49 15.96
C SER A 502 15.89 -15.43 17.44
N ILE A 503 16.58 -16.48 17.96
CA ILE A 503 17.02 -16.62 19.38
C ILE A 503 17.78 -15.36 19.84
N ASN A 504 18.70 -14.89 19.00
CA ASN A 504 19.51 -13.71 19.21
C ASN A 504 18.82 -12.50 18.61
N ASP A 505 19.26 -11.30 19.01
CA ASP A 505 18.80 -10.00 18.55
C ASP A 505 19.02 -9.68 17.07
N ASP A 506 20.29 -9.60 16.63
CA ASP A 506 20.62 -9.35 15.23
C ASP A 506 20.94 -10.73 14.71
N ASP A 507 20.49 -11.06 13.51
CA ASP A 507 20.84 -12.34 12.89
C ASP A 507 22.38 -12.27 12.64
N PRO A 508 23.19 -13.35 12.93
CA PRO A 508 24.64 -13.25 12.70
C PRO A 508 25.02 -12.68 11.32
N LYS A 509 24.26 -13.09 10.28
CA LYS A 509 24.45 -12.68 8.89
C LYS A 509 23.88 -11.28 8.60
N GLY A 510 23.25 -10.65 9.60
CA GLY A 510 22.65 -9.34 9.51
C GLY A 510 23.64 -8.23 9.19
N ILE A 511 23.38 -7.50 8.08
CA ILE A 511 24.24 -6.39 7.62
C ILE A 511 24.19 -5.25 8.60
N SER A 512 25.35 -4.88 9.14
CA SER A 512 25.37 -3.80 10.14
C SER A 512 26.04 -2.46 9.81
N VAL A 513 26.66 -2.35 8.65
CA VAL A 513 27.31 -1.10 8.29
C VAL A 513 26.30 0.02 8.07
N THR A 514 26.62 1.22 8.58
CA THR A 514 25.72 2.36 8.39
C THR A 514 26.31 3.77 8.64
N SER A 515 25.63 4.77 8.08
CA SER A 515 25.94 6.21 8.18
C SER A 515 26.95 6.90 7.25
N SER A 516 28.21 6.50 7.27
CA SER A 516 29.22 7.12 6.39
C SER A 516 29.27 6.29 5.14
N MET A 517 28.36 5.33 5.11
CA MET A 517 28.21 4.36 4.05
C MET A 517 27.41 5.01 2.98
N PHE A 518 26.46 5.89 3.36
CA PHE A 518 25.53 6.53 2.43
C PHE A 518 25.91 7.90 1.92
N VAL A 519 27.08 8.41 2.26
CA VAL A 519 27.51 9.74 1.79
C VAL A 519 27.70 9.78 0.28
N THR A 520 27.19 10.85 -0.32
CA THR A 520 27.25 11.13 -1.74
C THR A 520 27.77 12.55 -1.92
N ASP A 521 28.57 12.80 -2.95
CA ASP A 521 29.16 14.11 -3.23
C ASP A 521 28.09 15.15 -3.62
N ARG A 522 28.43 16.45 -3.46
CA ARG A 522 27.52 17.56 -3.79
C ARG A 522 27.06 17.52 -5.26
N SER A 523 27.94 17.00 -6.17
CA SER A 523 27.63 16.84 -7.59
C SER A 523 26.45 15.88 -7.80
N PHE A 524 26.46 14.73 -7.08
CA PHE A 524 25.39 13.74 -7.11
C PHE A 524 24.11 14.34 -6.54
N ASN A 525 24.26 15.04 -5.39
CA ASN A 525 23.15 15.65 -4.67
C ASN A 525 22.46 16.74 -5.45
N ILE A 526 23.22 17.64 -6.12
CA ILE A 526 22.65 18.71 -6.95
C ILE A 526 21.96 18.09 -8.16
N ALA A 527 22.53 17.00 -8.72
CA ALA A 527 21.93 16.27 -9.83
C ALA A 527 20.65 15.58 -9.36
N ALA A 528 20.67 15.01 -8.11
CA ALA A 528 19.51 14.34 -7.53
C ALA A 528 18.35 15.32 -7.40
N TYR A 529 18.62 16.53 -6.86
CA TYR A 529 17.62 17.59 -6.70
C TYR A 529 17.07 18.06 -8.05
N GLY A 530 17.95 18.14 -9.05
CA GLY A 530 17.60 18.51 -10.41
C GLY A 530 16.59 17.56 -11.02
N ILE A 531 16.86 16.24 -10.93
CA ILE A 531 15.99 15.18 -11.44
C ILE A 531 14.63 15.20 -10.73
N MET A 532 14.61 15.49 -9.41
CA MET A 532 13.37 15.58 -8.64
C MET A 532 12.55 16.81 -9.10
N ILE A 533 13.22 17.96 -9.30
CA ILE A 533 12.61 19.21 -9.75
C ILE A 533 12.04 19.03 -11.18
N VAL A 534 12.75 18.27 -12.04
CA VAL A 534 12.33 17.97 -13.42
C VAL A 534 11.08 17.07 -13.39
N LEU A 535 11.13 15.98 -12.59
CA LEU A 535 10.03 15.05 -12.41
C LEU A 535 8.78 15.74 -11.93
N ALA A 536 8.94 16.75 -11.05
CA ALA A 536 7.81 17.54 -10.54
C ALA A 536 7.15 18.24 -11.71
N VAL A 537 7.97 18.90 -12.54
CA VAL A 537 7.53 19.65 -13.72
C VAL A 537 6.86 18.72 -14.73
N LEU A 538 7.51 17.58 -15.05
CA LEU A 538 7.02 16.57 -15.98
C LEU A 538 5.61 16.08 -15.64
N TYR A 539 5.31 15.85 -14.34
CA TYR A 539 3.98 15.41 -13.93
C TYR A 539 2.93 16.54 -13.84
N THR A 540 3.38 17.80 -13.96
CA THR A 540 2.55 18.99 -13.80
C THR A 540 2.36 19.76 -15.09
N LEU A 541 3.37 19.70 -16.00
CA LEU A 541 3.39 20.44 -17.27
C LEU A 541 2.09 20.49 -18.06
N PHE A 542 1.46 19.33 -18.36
CA PHE A 542 0.20 19.29 -19.12
C PHE A 542 -0.93 20.02 -18.41
N TRP A 543 -1.20 19.67 -17.12
CA TRP A 543 -2.21 20.29 -16.26
C TRP A 543 -2.06 21.81 -16.33
N VAL A 544 -0.88 22.30 -15.92
CA VAL A 544 -0.48 23.70 -15.86
C VAL A 544 -0.54 24.46 -17.21
N ASN A 545 0.14 23.93 -18.26
CA ASN A 545 0.17 24.49 -19.63
C ASN A 545 0.14 23.37 -20.67
N ALA A 546 -1.02 23.16 -21.31
CA ALA A 546 -1.18 22.13 -22.33
C ALA A 546 -0.40 22.48 -23.61
N ASP A 547 -0.08 23.76 -23.80
CA ASP A 547 0.68 24.25 -24.95
C ASP A 547 2.19 24.11 -24.75
N ALA A 548 2.63 23.88 -23.49
CA ALA A 548 4.03 23.69 -23.15
C ALA A 548 4.46 22.25 -23.45
N GLU A 549 3.48 21.35 -23.64
CA GLU A 549 3.70 19.94 -23.94
C GLU A 549 4.36 19.69 -25.30
N ILE A 550 4.14 20.60 -26.26
CA ILE A 550 4.74 20.54 -27.60
C ILE A 550 6.28 20.67 -27.47
N THR A 551 6.74 21.63 -26.65
CA THR A 551 8.15 21.85 -26.35
C THR A 551 8.72 20.58 -25.68
N LEU A 552 7.96 19.98 -24.74
CA LEU A 552 8.35 18.78 -24.02
C LEU A 552 8.51 17.56 -24.94
N ILE A 553 7.57 17.37 -25.89
CA ILE A 553 7.63 16.26 -26.84
C ILE A 553 8.86 16.42 -27.75
N ILE A 554 9.05 17.64 -28.28
CA ILE A 554 10.17 18.00 -29.17
C ILE A 554 11.51 17.96 -28.45
N PHE A 555 11.68 18.72 -27.38
CA PHE A 555 12.95 18.75 -26.66
C PHE A 555 13.35 17.38 -26.14
N GLY A 556 12.36 16.64 -25.65
CA GLY A 556 12.59 15.31 -25.09
C GLY A 556 13.14 14.45 -26.21
N VAL A 557 12.36 14.24 -27.30
CA VAL A 557 12.78 13.46 -28.48
C VAL A 557 14.15 13.87 -29.04
N MET A 558 14.40 15.20 -29.12
CA MET A 558 15.65 15.76 -29.62
C MET A 558 16.85 15.40 -28.76
N ALA A 559 16.71 15.56 -27.42
CA ALA A 559 17.74 15.24 -26.42
C ALA A 559 18.16 13.77 -26.47
N GLY A 560 17.23 12.89 -26.85
CA GLY A 560 17.49 11.46 -26.96
C GLY A 560 18.32 11.12 -28.17
N VAL A 561 18.11 11.85 -29.28
CA VAL A 561 18.83 11.65 -30.54
C VAL A 561 20.24 12.19 -30.40
N ILE A 562 20.36 13.49 -30.05
CA ILE A 562 21.62 14.21 -29.82
C ILE A 562 22.42 13.45 -28.74
N GLY A 563 21.74 13.08 -27.65
CA GLY A 563 22.31 12.33 -26.52
C GLY A 563 22.91 11.00 -26.92
N THR A 564 22.26 10.27 -27.85
CA THR A 564 22.78 8.97 -28.32
C THR A 564 23.96 9.19 -29.24
N ILE A 565 23.80 10.02 -30.30
CA ILE A 565 24.88 10.30 -31.25
C ILE A 565 26.17 10.84 -30.58
N LEU A 566 26.03 11.79 -29.64
CA LEU A 566 27.17 12.36 -28.91
C LEU A 566 27.87 11.35 -28.00
N LEU A 567 27.10 10.53 -27.26
CA LEU A 567 27.63 9.51 -26.34
C LEU A 567 28.33 8.37 -27.09
N ILE A 568 27.88 8.06 -28.32
CA ILE A 568 28.52 7.04 -29.16
C ILE A 568 29.86 7.61 -29.67
N SER A 569 29.87 8.92 -30.04
CA SER A 569 31.04 9.66 -30.54
C SER A 569 32.19 9.71 -29.55
N TYR A 570 31.90 9.98 -28.24
CA TYR A 570 32.94 9.99 -27.20
C TYR A 570 33.36 8.57 -26.82
N GLY A 571 32.50 7.60 -27.09
CA GLY A 571 32.76 6.19 -26.87
C GLY A 571 33.73 5.64 -27.89
N ILE A 572 33.77 6.28 -29.07
CA ILE A 572 34.66 5.96 -30.18
C ILE A 572 36.09 6.46 -29.86
N LYS A 573 36.21 7.60 -29.15
CA LYS A 573 37.49 8.20 -28.72
C LYS A 573 38.33 7.27 -27.82
N UNK B 35 -41.23 7.91 33.54
CA UNK B 35 -39.88 7.69 33.03
C UNK B 35 -38.89 8.77 33.51
N UNK B 36 -39.38 10.02 33.70
CA UNK B 36 -38.61 11.19 34.18
C UNK B 36 -38.14 10.97 35.62
N UNK B 37 -38.97 10.27 36.42
CA UNK B 37 -38.66 9.94 37.81
C UNK B 37 -37.63 8.79 37.84
N UNK B 38 -37.70 7.85 36.87
CA UNK B 38 -36.76 6.73 36.77
C UNK B 38 -35.36 7.24 36.44
N UNK B 39 -35.26 8.18 35.45
CA UNK B 39 -34.02 8.81 34.99
C UNK B 39 -33.34 9.58 36.13
N UNK B 40 -34.13 10.30 36.96
CA UNK B 40 -33.66 11.06 38.11
C UNK B 40 -33.09 10.15 39.21
N UNK B 41 -33.69 8.95 39.41
CA UNK B 41 -33.23 7.95 40.39
C UNK B 41 -31.89 7.35 39.96
N UNK B 42 -31.72 7.10 38.64
CA UNK B 42 -30.48 6.58 38.06
C UNK B 42 -29.40 7.65 38.15
N UNK B 43 -29.67 8.87 37.61
CA UNK B 43 -28.77 10.03 37.63
C UNK B 43 -28.32 10.37 39.05
N UNK B 44 -29.21 10.15 40.06
CA UNK B 44 -28.90 10.38 41.47
C UNK B 44 -28.08 9.23 42.06
N UNK B 45 -28.44 7.95 41.76
CA UNK B 45 -27.70 6.77 42.22
C UNK B 45 -26.29 6.75 41.65
N UNK B 46 -26.12 7.20 40.38
CA UNK B 46 -24.84 7.32 39.70
C UNK B 46 -24.01 8.42 40.38
N UNK B 47 -24.65 9.58 40.67
CA UNK B 47 -24.00 10.69 41.37
C UNK B 47 -23.71 10.34 42.84
N UNK B 48 -24.58 9.51 43.48
CA UNK B 48 -24.42 9.10 44.88
C UNK B 48 -23.31 8.09 45.09
N UNK B 49 -23.18 7.09 44.17
CA UNK B 49 -22.12 6.08 44.25
C UNK B 49 -20.74 6.74 44.17
N UNK B 50 -20.65 7.88 43.43
CA UNK B 50 -19.44 8.69 43.28
C UNK B 50 -19.11 9.48 44.55
N LEU B 51 -5.67 -9.03 39.45
CA LEU B 51 -6.68 -9.11 38.38
C LEU B 51 -6.72 -10.41 37.57
N PRO B 52 -7.89 -11.13 37.57
CA PRO B 52 -7.99 -12.37 36.79
C PRO B 52 -8.19 -12.10 35.29
N TRP B 53 -7.83 -13.09 34.45
CA TRP B 53 -7.91 -13.04 32.98
C TRP B 53 -9.22 -12.47 32.45
N TRP B 54 -10.36 -13.01 32.90
CA TRP B 54 -11.69 -12.60 32.45
C TRP B 54 -12.05 -11.17 32.82
N ALA B 55 -11.53 -10.67 33.96
CA ALA B 55 -11.75 -9.31 34.42
C ALA B 55 -10.93 -8.33 33.57
N VAL B 56 -9.68 -8.71 33.22
CA VAL B 56 -8.76 -7.94 32.37
C VAL B 56 -9.38 -7.81 30.97
N GLY B 57 -9.90 -8.93 30.45
CA GLY B 57 -10.56 -9.03 29.15
C GLY B 57 -11.78 -8.15 29.03
N ALA B 58 -12.67 -8.23 30.05
CA ALA B 58 -13.91 -7.44 30.12
C ALA B 58 -13.61 -5.95 30.29
N SER B 59 -12.55 -5.62 31.06
CA SER B 59 -12.07 -4.25 31.31
C SER B 59 -11.64 -3.58 30.01
N LEU B 60 -10.96 -4.33 29.12
CA LEU B 60 -10.48 -3.83 27.85
C LEU B 60 -11.58 -3.56 26.82
N ILE B 61 -12.59 -4.44 26.76
CA ILE B 61 -13.69 -4.32 25.82
C ILE B 61 -14.75 -3.25 26.19
N ALA B 62 -14.77 -2.82 27.48
CA ALA B 62 -15.69 -1.82 28.03
C ALA B 62 -15.60 -0.45 27.35
N ALA B 63 -14.39 -0.04 26.90
CA ALA B 63 -14.18 1.23 26.22
C ALA B 63 -14.90 1.27 24.83
N ASN B 64 -15.14 0.08 24.25
CA ASN B 64 -15.83 -0.11 22.97
C ASN B 64 -17.36 -0.13 23.18
N ILE B 65 -17.80 -0.23 24.45
CA ILE B 65 -19.22 -0.23 24.83
C ILE B 65 -19.50 1.11 25.56
N SER B 66 -19.69 2.18 24.78
CA SER B 66 -19.97 3.51 25.29
C SER B 66 -21.21 4.07 24.58
N ALA B 67 -21.70 5.23 25.03
CA ALA B 67 -22.87 5.89 24.44
C ALA B 67 -22.58 6.30 23.00
N GLU B 68 -21.46 7.01 22.79
CA GLU B 68 -20.93 7.48 21.50
C GLU B 68 -20.81 6.28 20.52
N GLN B 69 -20.45 5.11 21.05
CA GLN B 69 -20.31 3.87 20.30
C GLN B 69 -21.66 3.33 19.89
N PHE B 70 -22.63 3.29 20.80
CA PHE B 70 -23.97 2.84 20.42
C PHE B 70 -24.54 3.74 19.32
N ILE B 71 -24.52 5.08 19.54
CA ILE B 71 -25.01 6.08 18.60
C ILE B 71 -24.24 6.06 17.27
N GLY B 72 -22.91 6.08 17.35
CA GLY B 72 -22.00 6.09 16.20
C GLY B 72 -22.07 4.82 15.36
N MET B 73 -21.89 3.65 16.00
CA MET B 73 -21.96 2.34 15.37
C MET B 73 -23.32 2.02 14.77
N SER B 74 -24.43 2.55 15.35
CA SER B 74 -25.76 2.37 14.80
C SER B 74 -25.93 3.22 13.55
N GLY B 75 -25.32 4.41 13.55
CA GLY B 75 -25.34 5.32 12.41
C GLY B 75 -24.74 4.65 11.20
N SER B 76 -23.60 3.96 11.41
CA SER B 76 -22.89 3.17 10.41
C SER B 76 -23.70 1.92 10.06
N GLY B 77 -24.36 1.32 11.06
CA GLY B 77 -25.23 0.16 10.86
C GLY B 77 -26.44 0.49 10.00
N TYR B 78 -26.91 1.74 10.11
CA TYR B 78 -28.02 2.25 9.32
C TYR B 78 -27.55 2.56 7.89
N SER B 79 -26.38 3.22 7.74
CA SER B 79 -25.84 3.61 6.45
C SER B 79 -25.13 2.50 5.67
N ILE B 80 -24.27 1.72 6.32
CA ILE B 80 -23.52 0.63 5.69
C ILE B 80 -24.13 -0.71 6.06
N GLY B 81 -24.25 -0.94 7.36
CA GLY B 81 -24.73 -2.20 7.90
C GLY B 81 -23.60 -2.95 8.57
N LEU B 82 -23.70 -4.29 8.60
CA LEU B 82 -22.75 -5.19 9.25
C LEU B 82 -21.28 -5.11 8.79
N ALA B 83 -21.02 -4.61 7.54
CA ALA B 83 -19.64 -4.47 7.02
C ALA B 83 -18.76 -3.65 7.96
N ILE B 84 -19.39 -2.83 8.82
CA ILE B 84 -18.71 -1.96 9.76
C ILE B 84 -18.27 -2.66 11.06
N ALA B 85 -18.66 -3.95 11.22
CA ALA B 85 -18.22 -4.81 12.33
C ALA B 85 -16.70 -5.07 12.16
N SER B 86 -16.15 -4.77 10.96
CA SER B 86 -14.74 -4.94 10.62
C SER B 86 -13.79 -4.24 11.58
N TYR B 87 -14.20 -3.06 12.12
CA TYR B 87 -13.38 -2.31 13.09
C TYR B 87 -13.12 -3.13 14.35
N GLU B 88 -14.17 -3.81 14.84
CA GLU B 88 -14.14 -4.63 16.02
C GLU B 88 -13.59 -6.00 15.69
N TRP B 89 -14.13 -6.63 14.64
CA TRP B 89 -13.71 -7.97 14.24
C TRP B 89 -12.21 -8.03 13.94
N MET B 90 -11.68 -6.97 13.33
CA MET B 90 -10.25 -6.88 13.06
C MET B 90 -9.44 -6.47 14.30
N SER B 91 -10.11 -5.84 15.29
CA SER B 91 -9.50 -5.51 16.57
C SER B 91 -9.09 -6.79 17.29
N ALA B 92 -9.88 -7.89 17.11
CA ALA B 92 -9.60 -9.20 17.68
C ALA B 92 -8.19 -9.67 17.27
N ILE B 93 -7.93 -9.71 15.95
CA ILE B 93 -6.63 -10.12 15.43
C ILE B 93 -5.51 -9.13 15.81
N THR B 94 -5.86 -7.84 15.95
CA THR B 94 -4.92 -6.79 16.39
C THR B 94 -4.49 -7.09 17.81
N LEU B 95 -5.48 -7.39 18.69
CA LEU B 95 -5.25 -7.72 20.09
C LEU B 95 -4.29 -8.89 20.28
N ILE B 96 -4.45 -9.98 19.48
CA ILE B 96 -3.54 -11.12 19.49
C ILE B 96 -2.10 -10.59 19.30
N ILE B 97 -1.85 -9.91 18.14
CA ILE B 97 -0.56 -9.31 17.78
C ILE B 97 -0.03 -8.43 18.91
N VAL B 98 -0.87 -7.48 19.41
CA VAL B 98 -0.50 -6.55 20.49
C VAL B 98 -0.08 -7.30 21.75
N GLY B 99 -0.92 -8.24 22.16
CA GLY B 99 -0.63 -9.08 23.32
C GLY B 99 0.66 -9.85 23.20
N LYS B 100 0.84 -10.58 22.07
CA LYS B 100 2.02 -11.41 21.80
C LYS B 100 3.32 -10.63 21.52
N TYR B 101 3.26 -9.46 20.87
CA TYR B 101 4.49 -8.74 20.51
C TYR B 101 4.74 -7.39 21.12
N PHE B 102 3.77 -6.48 21.08
CA PHE B 102 3.89 -5.10 21.56
C PHE B 102 4.13 -4.98 23.07
N LEU B 103 3.26 -5.64 23.83
CA LEU B 103 3.24 -5.65 25.28
C LEU B 103 4.52 -6.18 25.97
N PRO B 104 5.07 -7.38 25.60
CA PRO B 104 6.30 -7.85 26.26
C PRO B 104 7.43 -6.83 26.26
N ILE B 105 7.54 -6.00 25.19
CA ILE B 105 8.56 -4.96 25.07
C ILE B 105 8.30 -3.85 26.13
N PHE B 106 7.02 -3.50 26.35
CA PHE B 106 6.67 -2.47 27.32
C PHE B 106 6.97 -2.90 28.75
N ILE B 107 6.70 -4.18 29.08
CA ILE B 107 7.00 -4.71 30.41
C ILE B 107 8.52 -4.89 30.58
N GLU B 108 9.17 -5.58 29.61
CA GLU B 108 10.62 -5.86 29.62
C GLU B 108 11.44 -4.58 29.72
N LYS B 109 11.07 -3.53 28.99
CA LYS B 109 11.82 -2.29 29.06
C LYS B 109 11.24 -1.28 30.07
N GLY B 110 10.43 -1.80 31.00
CA GLY B 110 9.80 -1.07 32.09
C GLY B 110 9.15 0.25 31.71
N ILE B 111 8.08 0.20 30.89
CA ILE B 111 7.34 1.37 30.41
C ILE B 111 5.88 1.32 30.88
N TYR B 112 5.35 2.47 31.31
CA TYR B 112 3.98 2.53 31.80
C TYR B 112 3.03 3.22 30.84
N THR B 113 3.37 4.46 30.44
CA THR B 113 2.56 5.26 29.52
C THR B 113 3.20 5.41 28.13
N ILE B 114 2.40 5.85 27.15
CA ILE B 114 2.87 6.08 25.79
C ILE B 114 3.88 7.27 25.73
N PRO B 115 3.61 8.50 26.28
CA PRO B 115 4.62 9.58 26.22
C PRO B 115 5.96 9.18 26.81
N GLU B 116 5.95 8.28 27.81
CA GLU B 116 7.11 7.70 28.49
C GLU B 116 7.93 6.90 27.47
N PHE B 117 7.25 6.06 26.65
CA PHE B 117 7.89 5.27 25.59
C PHE B 117 8.49 6.19 24.51
N VAL B 118 7.82 7.32 24.22
CA VAL B 118 8.29 8.30 23.24
C VAL B 118 9.59 8.91 23.78
N GLU B 119 9.59 9.29 25.06
CA GLU B 119 10.74 9.87 25.75
C GLU B 119 11.92 8.91 25.86
N LYS B 120 11.65 7.64 26.22
CA LYS B 120 12.71 6.63 26.39
C LYS B 120 13.32 6.10 25.09
N ARG B 121 12.56 6.14 24.00
CA ARG B 121 13.02 5.64 22.71
C ARG B 121 13.54 6.77 21.83
N PHE B 122 12.86 8.00 21.90
CA PHE B 122 13.27 9.17 21.14
C PHE B 122 13.66 10.45 21.86
N ASN B 123 12.72 11.36 22.10
CA ASN B 123 13.00 12.62 22.80
C ASN B 123 11.78 13.45 23.24
N LYS B 124 12.06 14.40 24.20
CA LYS B 124 11.02 15.33 24.66
C LYS B 124 10.48 16.19 23.52
N LYS B 125 11.32 16.52 22.52
CA LYS B 125 10.89 17.30 21.35
C LYS B 125 9.80 16.55 20.61
N LEU B 126 10.03 15.26 20.28
CA LEU B 126 9.05 14.42 19.61
C LEU B 126 7.79 14.28 20.47
N LYS B 127 7.97 14.11 21.80
CA LYS B 127 6.91 14.01 22.80
C LYS B 127 6.01 15.27 22.76
N THR B 128 6.65 16.46 22.63
CA THR B 128 5.97 17.76 22.53
C THR B 128 5.19 17.87 21.20
N ILE B 129 5.82 17.45 20.08
CA ILE B 129 5.19 17.43 18.76
C ILE B 129 3.94 16.54 18.84
N LEU B 130 4.08 15.32 19.37
CA LEU B 130 2.95 14.39 19.51
C LEU B 130 1.86 14.90 20.44
N ALA B 131 2.23 15.67 21.49
CA ALA B 131 1.28 16.27 22.44
C ALA B 131 0.35 17.26 21.70
N VAL B 132 0.93 18.13 20.85
CA VAL B 132 0.20 19.13 20.05
C VAL B 132 -0.80 18.42 19.10
N PHE B 133 -0.41 17.24 18.55
CA PHE B 133 -1.28 16.45 17.67
C PHE B 133 -2.44 15.86 18.46
N TRP B 134 -2.15 15.30 19.65
CA TRP B 134 -3.14 14.69 20.53
C TRP B 134 -4.18 15.67 21.09
N ILE B 135 -3.74 16.89 21.47
CA ILE B 135 -4.61 17.95 21.97
C ILE B 135 -5.59 18.32 20.86
N SER B 136 -5.06 18.56 19.64
CA SER B 136 -5.83 18.90 18.42
C SER B 136 -6.88 17.85 18.15
N LEU B 137 -6.49 16.58 18.25
CA LEU B 137 -7.35 15.43 18.05
C LEU B 137 -8.49 15.39 19.07
N TYR B 138 -8.16 15.61 20.34
CA TYR B 138 -9.17 15.60 21.41
C TYR B 138 -10.21 16.67 21.22
N ILE B 139 -9.76 17.93 21.02
CA ILE B 139 -10.62 19.08 20.82
C ILE B 139 -11.47 18.97 19.54
N PHE B 140 -10.81 18.95 18.37
CA PHE B 140 -11.49 18.97 17.08
C PHE B 140 -12.15 17.70 16.65
N VAL B 141 -11.61 16.54 17.03
CA VAL B 141 -12.24 15.28 16.63
C VAL B 141 -13.09 14.66 17.74
N ASN B 142 -12.42 14.11 18.77
CA ASN B 142 -13.01 13.40 19.92
C ASN B 142 -14.15 14.10 20.64
N LEU B 143 -13.89 15.25 21.29
CA LEU B 143 -14.88 15.99 22.06
C LEU B 143 -16.02 16.51 21.20
N THR B 144 -15.69 17.06 20.02
CA THR B 144 -16.62 17.60 19.03
C THR B 144 -17.65 16.53 18.65
N SER B 145 -17.19 15.29 18.48
CA SER B 145 -18.01 14.14 18.16
C SER B 145 -18.95 13.75 19.28
N VAL B 146 -18.44 13.56 20.51
CA VAL B 146 -19.21 13.15 21.68
C VAL B 146 -20.34 14.14 21.95
N LEU B 147 -20.02 15.45 21.95
CA LEU B 147 -21.00 16.52 22.13
C LEU B 147 -22.10 16.36 21.08
N TYR B 148 -21.73 16.20 19.79
CA TYR B 148 -22.70 16.01 18.71
C TYR B 148 -23.54 14.73 18.88
N LEU B 149 -22.90 13.56 19.06
CA LEU B 149 -23.61 12.27 19.23
C LEU B 149 -24.53 12.24 20.44
N GLY B 150 -24.12 12.91 21.52
CA GLY B 150 -24.95 13.05 22.72
C GLY B 150 -26.08 14.05 22.48
N GLY B 151 -25.73 15.18 21.85
CA GLY B 151 -26.65 16.26 21.51
C GLY B 151 -27.75 15.85 20.56
N LEU B 152 -27.47 14.85 19.68
CA LEU B 152 -28.45 14.31 18.75
C LEU B 152 -29.42 13.45 19.53
N ALA B 153 -28.91 12.69 20.53
CA ALA B 153 -29.71 11.81 21.37
C ALA B 153 -30.75 12.55 22.21
N LEU B 154 -30.37 13.68 22.85
CA LEU B 154 -31.33 14.45 23.65
C LEU B 154 -32.36 15.13 22.75
N GLU B 155 -31.92 15.60 21.56
CA GLU B 155 -32.78 16.23 20.55
C GLU B 155 -33.85 15.25 20.03
N THR B 156 -33.43 14.02 19.69
CA THR B 156 -34.27 12.93 19.20
C THR B 156 -35.14 12.30 20.31
N ILE B 157 -34.73 12.41 21.60
CA ILE B 157 -35.50 11.86 22.72
C ILE B 157 -36.32 12.94 23.46
N LEU B 158 -35.65 13.90 24.12
CA LEU B 158 -36.30 14.99 24.87
C LEU B 158 -37.06 15.98 23.99
N GLY B 159 -36.44 16.44 22.91
CA GLY B 159 -37.05 17.39 21.97
C GLY B 159 -36.34 18.72 21.86
N ILE B 160 -35.33 18.97 22.71
CA ILE B 160 -34.51 20.19 22.79
C ILE B 160 -33.67 20.37 21.49
N PRO B 161 -33.59 21.60 20.90
CA PRO B 161 -32.74 21.79 19.69
C PRO B 161 -31.26 21.42 19.93
N LEU B 162 -30.54 21.06 18.85
CA LEU B 162 -29.13 20.66 18.91
C LEU B 162 -28.22 21.67 19.61
N MET B 163 -28.20 22.95 19.16
CA MET B 163 -27.39 24.02 19.74
C MET B 163 -27.52 24.10 21.27
N TYR B 164 -28.75 24.00 21.78
CA TYR B 164 -29.07 24.00 23.21
C TYR B 164 -28.71 22.65 23.84
N SER B 165 -29.07 21.54 23.16
CA SER B 165 -28.81 20.15 23.58
C SER B 165 -27.32 19.87 23.80
N ILE B 166 -26.44 20.35 22.89
CA ILE B 166 -24.98 20.17 23.01
C ILE B 166 -24.46 21.02 24.18
N LEU B 167 -24.94 22.27 24.30
CA LEU B 167 -24.59 23.23 25.34
C LEU B 167 -24.94 22.74 26.75
N GLY B 168 -26.07 22.02 26.85
CA GLY B 168 -26.57 21.44 28.09
C GLY B 168 -25.61 20.41 28.66
N LEU B 169 -25.02 19.58 27.77
CA LEU B 169 -24.03 18.55 28.09
C LEU B 169 -22.69 19.20 28.40
N ALA B 170 -22.40 20.33 27.72
CA ALA B 170 -21.17 21.11 27.89
C ALA B 170 -21.17 21.81 29.25
N LEU B 171 -22.32 22.35 29.66
CA LEU B 171 -22.51 22.99 30.96
C LEU B 171 -22.42 21.94 32.08
N PHE B 172 -22.86 20.71 31.77
CA PHE B 172 -22.85 19.55 32.66
C PHE B 172 -21.43 19.04 32.89
N ALA B 173 -20.66 18.86 31.79
CA ALA B 173 -19.28 18.40 31.82
C ALA B 173 -18.37 19.39 32.55
N LEU B 174 -18.72 20.69 32.49
CA LEU B 174 -18.01 21.79 33.14
C LEU B 174 -18.12 21.69 34.67
N VAL B 175 -19.25 21.12 35.17
CA VAL B 175 -19.49 20.92 36.61
C VAL B 175 -18.62 19.77 37.13
N TYR B 176 -18.67 18.59 36.46
CA TYR B 176 -17.91 17.36 36.76
C TYR B 176 -16.39 17.59 36.65
N SER B 177 -15.97 18.64 35.92
CA SER B 177 -14.57 19.06 35.71
C SER B 177 -13.88 19.40 37.04
N ILE B 178 -14.66 19.78 38.07
CA ILE B 178 -14.17 20.10 39.40
C ILE B 178 -14.32 18.88 40.34
N TYR B 179 -15.47 18.19 40.26
CA TYR B 179 -15.79 17.01 41.07
C TYR B 179 -15.69 15.72 40.24
N VAL B 186 -15.41 3.02 39.89
CA VAL B 186 -15.39 1.68 39.28
C VAL B 186 -16.82 1.11 39.22
N TRP B 187 -17.54 1.17 40.35
CA TRP B 187 -18.91 0.68 40.47
C TRP B 187 -19.83 1.40 39.47
N THR B 188 -19.65 2.73 39.34
CA THR B 188 -20.38 3.59 38.40
C THR B 188 -20.16 3.13 36.95
N ASP B 189 -18.98 2.60 36.63
CA ASP B 189 -18.62 2.09 35.31
C ASP B 189 -19.32 0.75 35.06
N VAL B 190 -19.36 -0.12 36.09
CA VAL B 190 -20.01 -1.44 36.01
C VAL B 190 -21.52 -1.23 35.82
N ILE B 191 -22.12 -0.31 36.60
CA ILE B 191 -23.55 0.05 36.50
C ILE B 191 -23.80 0.62 35.10
N GLN B 192 -23.00 1.64 34.69
CA GLN B 192 -23.13 2.30 33.39
C GLN B 192 -23.08 1.34 32.20
N VAL B 193 -22.07 0.45 32.14
CA VAL B 193 -21.93 -0.56 31.08
C VAL B 193 -23.16 -1.47 31.00
N PHE B 194 -23.65 -1.95 32.16
CA PHE B 194 -24.83 -2.80 32.30
C PHE B 194 -26.07 -2.16 31.67
N PHE B 195 -26.37 -0.89 32.00
CA PHE B 195 -27.53 -0.23 31.43
C PHE B 195 -27.42 0.15 29.95
N LEU B 196 -26.17 0.31 29.44
CA LEU B 196 -25.94 0.59 28.03
C LEU B 196 -26.11 -0.71 27.25
N VAL B 197 -25.60 -1.84 27.79
CA VAL B 197 -25.74 -3.17 27.20
C VAL B 197 -27.21 -3.60 27.16
N LEU B 198 -27.89 -3.57 28.34
CA LEU B 198 -29.31 -3.93 28.47
C LEU B 198 -30.16 -3.01 27.59
N GLY B 199 -29.86 -1.70 27.63
CA GLY B 199 -30.51 -0.68 26.81
C GLY B 199 -30.44 -1.01 25.34
N GLY B 200 -29.24 -1.36 24.87
CA GLY B 200 -29.00 -1.77 23.49
C GLY B 200 -29.82 -2.98 23.13
N PHE B 201 -29.73 -4.05 23.94
CA PHE B 201 -30.48 -5.29 23.74
C PHE B 201 -32.00 -5.05 23.66
N MET B 202 -32.56 -4.33 24.65
CA MET B 202 -33.99 -4.03 24.69
C MET B 202 -34.41 -3.31 23.42
N THR B 203 -33.62 -2.31 22.99
CA THR B 203 -33.86 -1.55 21.77
C THR B 203 -33.89 -2.46 20.54
N THR B 204 -32.99 -3.45 20.47
CA THR B 204 -32.97 -4.41 19.36
C THR B 204 -34.19 -5.32 19.38
N TYR B 205 -34.51 -5.90 20.56
CA TYR B 205 -35.66 -6.79 20.74
C TYR B 205 -36.97 -6.07 20.39
N MET B 206 -37.12 -4.79 20.83
CA MET B 206 -38.29 -3.93 20.55
C MET B 206 -38.43 -3.63 19.06
N ALA B 207 -37.29 -3.47 18.35
CA ALA B 207 -37.25 -3.17 16.92
C ALA B 207 -37.53 -4.42 16.08
N VAL B 208 -36.82 -5.52 16.38
CA VAL B 208 -36.91 -6.78 15.66
C VAL B 208 -38.29 -7.47 15.82
N SER B 209 -38.89 -7.41 17.03
CA SER B 209 -40.22 -7.97 17.28
C SER B 209 -41.30 -7.18 16.49
N PHE B 210 -41.08 -5.85 16.35
CA PHE B 210 -41.95 -4.95 15.59
C PHE B 210 -41.88 -5.28 14.10
N ILE B 211 -40.70 -5.75 13.63
CA ILE B 211 -40.49 -6.15 12.24
C ILE B 211 -41.23 -7.47 12.00
N GLY B 212 -41.09 -8.40 12.95
CA GLY B 212 -41.73 -9.72 12.90
C GLY B 212 -43.24 -9.69 12.99
N GLY B 213 -43.78 -8.68 13.66
CA GLY B 213 -45.21 -8.49 13.85
C GLY B 213 -45.80 -9.59 14.71
N THR B 214 -46.75 -10.35 14.15
CA THR B 214 -47.41 -11.46 14.86
C THR B 214 -46.61 -12.76 14.79
N ASP B 215 -45.48 -12.76 14.06
CA ASP B 215 -44.62 -13.93 13.91
C ASP B 215 -43.45 -13.95 14.90
N GLY B 216 -43.42 -12.99 15.83
CA GLY B 216 -42.43 -12.86 16.88
C GLY B 216 -41.09 -12.29 16.46
N TRP B 217 -40.13 -12.26 17.40
CA TRP B 217 -38.78 -11.74 17.19
C TRP B 217 -38.01 -12.52 16.12
N PHE B 218 -38.22 -13.86 16.04
CA PHE B 218 -37.53 -14.73 15.09
C PHE B 218 -37.77 -14.33 13.64
N ALA B 219 -39.01 -13.96 13.32
CA ALA B 219 -39.38 -13.52 11.97
C ALA B 219 -38.67 -12.21 11.64
N SER B 222 -34.98 -12.63 10.56
CA SER B 222 -35.05 -13.22 9.23
C SER B 222 -35.60 -12.21 8.21
N LYS B 223 -36.59 -11.40 8.62
CA LYS B 223 -37.21 -10.38 7.78
C LYS B 223 -36.26 -9.24 7.50
N MET B 224 -35.46 -8.84 8.51
CA MET B 224 -34.49 -7.77 8.29
C MET B 224 -33.36 -8.19 7.36
N VAL B 225 -32.97 -9.49 7.39
CA VAL B 225 -31.95 -10.02 6.49
C VAL B 225 -32.51 -10.20 5.06
N ASP B 226 -33.84 -10.30 4.92
CA ASP B 226 -34.51 -10.40 3.63
C ASP B 226 -34.72 -9.00 3.02
N ALA B 227 -34.97 -8.00 3.88
CA ALA B 227 -35.23 -6.60 3.50
C ALA B 227 -33.97 -5.81 3.15
N ALA B 228 -32.84 -6.07 3.84
CA ALA B 228 -31.60 -5.35 3.61
C ALA B 228 -30.40 -6.32 3.57
N PRO B 229 -30.26 -7.11 2.48
CA PRO B 229 -29.13 -8.06 2.39
C PRO B 229 -27.78 -7.36 2.26
N GLY B 230 -27.81 -6.14 1.70
CA GLY B 230 -26.65 -5.31 1.50
C GLY B 230 -26.10 -4.75 2.79
N HIS B 231 -26.93 -4.79 3.85
CA HIS B 231 -26.61 -4.37 5.21
C HIS B 231 -26.01 -5.53 6.00
N PHE B 232 -25.93 -6.72 5.38
CA PHE B 232 -25.31 -7.90 5.98
C PHE B 232 -24.09 -8.38 5.18
N GLU B 233 -23.71 -7.59 4.15
CA GLU B 233 -22.58 -7.78 3.26
C GLU B 233 -21.34 -7.26 4.02
N MET B 234 -20.26 -8.08 4.10
CA MET B 234 -19.02 -7.78 4.83
C MET B 234 -17.92 -7.05 4.04
N ILE B 235 -17.80 -7.39 2.74
CA ILE B 235 -16.80 -6.76 1.86
C ILE B 235 -17.58 -5.99 0.78
N LEU B 236 -17.31 -4.68 0.69
CA LEU B 236 -18.01 -3.77 -0.23
C LEU B 236 -17.44 -3.70 -1.63
N ASP B 237 -18.34 -3.59 -2.62
CA ASP B 237 -18.04 -3.41 -4.05
C ASP B 237 -17.69 -1.94 -4.28
N GLN B 238 -16.99 -1.62 -5.39
CA GLN B 238 -16.69 -0.24 -5.77
C GLN B 238 -17.99 0.47 -6.15
N SER B 239 -18.98 -0.30 -6.67
CA SER B 239 -20.29 0.21 -7.06
C SER B 239 -21.03 0.82 -5.88
N ASN B 240 -20.86 0.23 -4.69
CA ASN B 240 -21.47 0.64 -3.45
C ASN B 240 -21.01 2.05 -3.06
N PRO B 241 -21.96 3.01 -2.86
CA PRO B 241 -21.57 4.39 -2.52
C PRO B 241 -20.75 4.54 -1.26
N GLN B 242 -20.90 3.57 -0.34
CA GLN B 242 -20.20 3.53 0.95
C GLN B 242 -18.77 2.94 0.85
N TYR B 243 -18.36 2.48 -0.35
CA TYR B 243 -17.00 1.95 -0.59
C TYR B 243 -15.98 3.04 -0.27
N MET B 244 -16.32 4.32 -0.53
CA MET B 244 -15.48 5.47 -0.25
C MET B 244 -15.12 5.54 1.23
N ASN B 245 -15.99 4.96 2.09
CA ASN B 245 -15.80 4.89 3.53
C ASN B 245 -15.10 3.56 3.93
N LEU B 246 -15.63 2.39 3.49
CA LEU B 246 -15.03 1.07 3.74
C LEU B 246 -14.60 0.43 2.41
N PRO B 247 -13.36 0.70 1.94
CA PRO B 247 -12.96 0.17 0.62
C PRO B 247 -12.67 -1.32 0.50
N GLY B 248 -13.73 -2.13 0.41
CA GLY B 248 -13.64 -3.57 0.18
C GLY B 248 -12.67 -4.35 1.04
N ILE B 249 -11.69 -5.04 0.39
CA ILE B 249 -10.64 -5.87 1.01
C ILE B 249 -9.63 -5.10 1.94
N ALA B 250 -9.49 -3.76 1.78
CA ALA B 250 -8.61 -2.92 2.60
C ALA B 250 -8.95 -3.03 4.08
N VAL B 251 -10.08 -3.66 4.33
CA VAL B 251 -10.58 -3.94 5.64
C VAL B 251 -9.81 -5.13 6.27
N LEU B 252 -9.23 -5.99 5.42
CA LEU B 252 -8.47 -7.17 5.85
C LEU B 252 -6.99 -6.97 5.63
N ILE B 253 -6.62 -6.14 4.65
CA ILE B 253 -5.23 -5.93 4.27
C ILE B 253 -4.77 -4.46 4.21
N GLY B 254 -5.63 -3.50 4.51
CA GLY B 254 -5.26 -2.09 4.37
C GLY B 254 -5.24 -1.21 5.59
N GLY B 255 -5.70 0.03 5.37
CA GLY B 255 -5.75 1.14 6.32
C GLY B 255 -6.38 0.85 7.66
N LEU B 256 -7.31 -0.14 7.72
CA LEU B 256 -7.95 -0.54 8.98
C LEU B 256 -6.89 -1.03 9.96
N TRP B 257 -5.78 -1.60 9.45
CA TRP B 257 -4.67 -1.98 10.32
C TRP B 257 -4.06 -0.74 10.97
N VAL B 258 -4.01 0.41 10.23
CA VAL B 258 -3.47 1.68 10.76
C VAL B 258 -4.37 2.12 11.92
N ALA B 259 -5.70 2.11 11.69
CA ALA B 259 -6.74 2.47 12.64
C ALA B 259 -6.63 1.65 13.94
N ASN B 260 -6.62 0.30 13.81
CA ASN B 260 -6.54 -0.63 14.95
C ASN B 260 -5.22 -0.70 15.70
N LEU B 261 -4.06 -0.75 15.00
CA LEU B 261 -2.77 -0.81 15.68
C LEU B 261 -2.53 0.47 16.46
N TYR B 262 -2.96 1.64 15.94
CA TYR B 262 -2.87 2.90 16.67
C TYR B 262 -3.79 2.88 17.90
N TYR B 263 -5.04 2.39 17.75
CA TYR B 263 -5.99 2.36 18.87
C TYR B 263 -5.56 1.42 19.98
N TRP B 264 -5.33 0.13 19.65
CA TRP B 264 -4.94 -0.88 20.62
C TRP B 264 -3.49 -1.06 21.07
N GLY B 265 -2.57 -1.13 20.12
CA GLY B 265 -1.14 -1.32 20.32
C GLY B 265 -0.54 -0.13 21.02
N PHE B 266 -0.87 1.11 20.61
CA PHE B 266 -0.26 2.29 21.28
C PHE B 266 -0.95 3.41 22.14
N ASN B 267 -2.05 4.02 21.67
CA ASN B 267 -2.72 5.12 22.40
C ASN B 267 -3.11 4.64 23.82
N GLN B 268 -3.78 3.46 23.90
CA GLN B 268 -4.29 2.75 25.08
C GLN B 268 -3.21 2.67 26.15
N TYR B 269 -3.42 3.38 27.27
CA TYR B 269 -2.53 3.39 28.43
C TYR B 269 -3.07 2.23 29.26
N ILE B 270 -4.38 2.01 29.13
CA ILE B 270 -5.20 1.00 29.79
C ILE B 270 -4.72 -0.44 29.54
N ILE B 271 -4.18 -0.73 28.34
CA ILE B 271 -3.67 -2.07 28.05
C ILE B 271 -2.42 -2.42 28.88
N GLN B 272 -1.58 -1.40 29.20
CA GLN B 272 -0.37 -1.55 30.02
C GLN B 272 -0.77 -1.55 31.49
N ARG B 273 -1.67 -0.63 31.88
CA ARG B 273 -2.18 -0.44 33.24
C ARG B 273 -2.96 -1.65 33.77
N THR B 274 -3.95 -2.15 32.99
CA THR B 274 -4.76 -3.31 33.38
C THR B 274 -3.96 -4.62 33.32
N LEU B 275 -2.81 -4.62 32.60
CA LEU B 275 -1.94 -5.78 32.54
C LEU B 275 -1.08 -5.88 33.79
N ALA B 276 -0.48 -4.74 34.21
CA ALA B 276 0.32 -4.65 35.43
C ALA B 276 -0.14 -5.31 36.75
N ALA B 277 -1.43 -5.64 36.83
CA ALA B 277 -2.02 -6.26 38.02
C ALA B 277 -1.58 -7.69 38.42
N LYS B 278 -1.45 -8.55 37.41
CA LYS B 278 -1.11 -9.99 37.59
C LYS B 278 0.18 -10.33 36.82
N SER B 279 0.41 -11.62 36.48
CA SER B 279 1.55 -12.05 35.66
C SER B 279 1.28 -11.71 34.17
N VAL B 280 2.32 -11.73 33.32
CA VAL B 280 2.19 -11.41 31.88
C VAL B 280 1.34 -12.48 31.18
N SER B 281 1.71 -13.77 31.37
CA SER B 281 1.04 -14.96 30.84
C SER B 281 -0.48 -14.92 31.10
N GLU B 282 -0.88 -14.75 32.38
CA GLU B 282 -2.28 -14.68 32.83
C GLU B 282 -3.01 -13.49 32.17
N ALA B 283 -2.29 -12.38 31.99
CA ALA B 283 -2.84 -11.18 31.39
C ALA B 283 -2.95 -11.27 29.87
N GLN B 284 -2.08 -12.07 29.22
CA GLN B 284 -2.13 -12.33 27.77
C GLN B 284 -3.41 -13.15 27.50
N LYS B 285 -3.86 -13.97 28.50
CA LYS B 285 -5.11 -14.74 28.44
C LYS B 285 -6.28 -13.75 28.44
N GLY B 286 -6.07 -12.59 29.07
CA GLY B 286 -7.03 -11.51 29.15
C GLY B 286 -7.16 -10.78 27.83
N ILE B 287 -6.01 -10.51 27.16
CA ILE B 287 -5.93 -9.86 25.85
C ILE B 287 -6.65 -10.73 24.82
N VAL B 288 -6.41 -12.06 24.88
CA VAL B 288 -7.04 -13.03 23.97
C VAL B 288 -8.54 -13.17 24.24
N PHE B 289 -8.98 -13.06 25.50
CA PHE B 289 -10.40 -13.12 25.85
C PHE B 289 -11.07 -11.83 25.33
N ALA B 290 -10.41 -10.67 25.55
CA ALA B 290 -10.87 -9.36 25.06
C ALA B 290 -11.02 -9.40 23.54
N ALA B 291 -10.12 -10.13 22.85
CA ALA B 291 -10.15 -10.35 21.41
C ALA B 291 -11.40 -11.17 21.02
N PHE B 292 -11.77 -12.17 21.85
CA PHE B 292 -12.97 -12.96 21.61
C PHE B 292 -14.23 -12.09 21.82
N LEU B 293 -14.24 -11.24 22.89
CA LEU B 293 -15.36 -10.33 23.19
C LEU B 293 -15.54 -9.26 22.11
N ALA B 294 -14.45 -8.95 21.38
CA ALA B 294 -14.47 -7.98 20.29
C ALA B 294 -15.36 -8.47 19.13
N LEU B 295 -15.54 -9.80 19.02
CA LEU B 295 -16.38 -10.37 17.97
C LEU B 295 -17.87 -10.18 18.31
N ILE B 296 -18.19 -10.10 19.60
CA ILE B 296 -19.56 -9.96 20.08
C ILE B 296 -20.06 -8.51 20.01
N VAL B 297 -19.24 -7.52 20.36
CA VAL B 297 -19.70 -6.14 20.40
C VAL B 297 -20.50 -5.61 19.21
N PRO B 298 -20.10 -5.85 17.98
CA PRO B 298 -20.95 -5.33 16.88
C PRO B 298 -22.45 -5.63 17.00
N PHE B 299 -22.81 -6.92 17.20
CA PHE B 299 -24.21 -7.35 17.35
C PHE B 299 -25.00 -6.57 18.42
N LEU B 300 -24.29 -5.79 19.25
CA LEU B 300 -24.81 -4.96 20.33
C LEU B 300 -24.96 -3.50 19.89
N VAL B 301 -23.90 -2.92 19.30
CA VAL B 301 -23.79 -1.51 18.89
C VAL B 301 -24.16 -1.21 17.44
N VAL B 302 -23.92 -2.16 16.53
CA VAL B 302 -24.18 -1.98 15.11
C VAL B 302 -25.63 -2.29 14.81
N LEU B 303 -26.06 -3.55 15.08
CA LEU B 303 -27.40 -4.11 14.88
C LEU B 303 -28.60 -3.16 15.07
N PRO B 304 -28.68 -2.32 16.16
CA PRO B 304 -29.83 -1.39 16.27
C PRO B 304 -30.01 -0.53 15.03
N GLY B 305 -28.89 -0.06 14.48
CA GLY B 305 -28.84 0.73 13.26
C GLY B 305 -29.42 0.02 12.04
N ILE B 306 -29.14 -1.29 11.88
CA ILE B 306 -29.67 -2.06 10.76
C ILE B 306 -31.17 -2.16 10.92
N ALA B 307 -31.65 -2.55 12.12
CA ALA B 307 -33.06 -2.65 12.47
C ALA B 307 -33.77 -1.34 12.13
N ALA B 308 -33.17 -0.20 12.58
CA ALA B 308 -33.67 1.15 12.29
C ALA B 308 -33.81 1.35 10.78
N TYR B 309 -32.77 1.00 9.98
CA TYR B 309 -32.82 1.10 8.52
C TYR B 309 -34.02 0.33 7.93
N VAL B 310 -34.13 -0.97 8.28
CA VAL B 310 -35.18 -1.88 7.84
C VAL B 310 -36.59 -1.32 8.09
N ILE B 311 -36.82 -0.76 9.30
CA ILE B 311 -38.10 -0.16 9.68
C ILE B 311 -38.34 1.12 8.86
N THR B 312 -37.38 2.06 8.92
CA THR B 312 -37.35 3.36 8.24
C THR B 312 -37.69 3.26 6.74
N SER B 313 -37.14 2.22 6.07
CA SER B 313 -37.31 1.97 4.65
C SER B 313 -38.61 1.24 4.25
N ASP B 314 -39.38 0.77 5.24
CA ASP B 314 -40.67 0.09 5.01
C ASP B 314 -41.84 1.09 5.13
N PRO B 315 -42.63 1.31 4.06
CA PRO B 315 -43.72 2.29 4.15
C PRO B 315 -44.94 1.79 4.94
N GLN B 316 -45.12 0.45 4.99
CA GLN B 316 -46.18 -0.20 5.75
C GLN B 316 -45.86 -0.10 7.23
N LEU B 317 -44.59 -0.38 7.59
CA LEU B 317 -44.12 -0.30 8.98
C LEU B 317 -44.10 1.15 9.48
N MET B 318 -43.81 2.13 8.59
CA MET B 318 -43.79 3.55 8.96
C MET B 318 -45.17 4.11 9.22
N ALA B 319 -46.15 3.74 8.34
CA ALA B 319 -47.56 4.14 8.44
C ALA B 319 -48.20 3.56 9.70
N SER B 320 -47.67 2.40 10.16
CA SER B 320 -48.08 1.68 11.37
C SER B 320 -47.86 2.54 12.61
N LEU B 321 -46.71 3.25 12.69
CA LEU B 321 -46.33 4.13 13.79
C LEU B 321 -47.13 5.44 13.83
N GLY B 322 -47.34 6.05 12.66
CA GLY B 322 -48.10 7.28 12.50
C GLY B 322 -47.45 8.58 12.94
N ASP B 323 -48.28 9.63 13.13
CA ASP B 323 -47.92 11.00 13.53
C ASP B 323 -47.01 11.05 14.77
N PRO B 330 -33.73 8.85 11.21
CA PRO B 330 -32.41 8.74 10.59
C PRO B 330 -32.50 8.92 9.08
N SER B 331 -31.55 9.67 8.51
CA SER B 331 -31.43 9.95 7.08
C SER B 331 -29.98 9.69 6.70
N ALA B 332 -29.59 9.83 5.42
CA ALA B 332 -28.18 9.60 5.08
C ALA B 332 -27.29 10.66 5.77
N ALA B 333 -27.77 11.94 5.78
CA ALA B 333 -27.11 13.11 6.37
C ALA B 333 -27.18 13.12 7.91
N ASN B 334 -28.11 12.34 8.48
CA ASN B 334 -28.31 12.24 9.91
C ASN B 334 -28.46 10.78 10.33
N ALA B 335 -27.48 9.95 9.92
CA ALA B 335 -27.45 8.51 10.20
C ALA B 335 -27.43 8.20 11.68
N ASP B 336 -26.73 9.03 12.47
CA ASP B 336 -26.61 8.84 13.92
C ASP B 336 -27.90 9.09 14.72
N LYS B 337 -28.99 9.47 14.05
CA LYS B 337 -30.29 9.65 14.69
C LYS B 337 -30.99 8.28 14.91
N ALA B 338 -30.48 7.20 14.26
CA ALA B 338 -31.00 5.82 14.28
C ALA B 338 -31.24 5.22 15.68
N TYR B 339 -30.17 5.11 16.50
CA TYR B 339 -30.30 4.56 17.86
C TYR B 339 -31.18 5.43 18.75
N PRO B 340 -30.98 6.78 18.85
CA PRO B 340 -31.88 7.60 19.66
C PRO B 340 -33.33 7.57 19.15
N TRP B 341 -33.55 7.36 17.83
CA TRP B 341 -34.89 7.26 17.26
C TRP B 341 -35.60 6.02 17.79
N LEU B 342 -34.94 4.85 17.76
CA LEU B 342 -35.51 3.59 18.26
C LEU B 342 -35.81 3.62 19.76
N THR B 343 -34.86 4.13 20.58
CA THR B 343 -34.98 4.22 22.04
C THR B 343 -36.19 5.03 22.52
N GLN B 344 -36.73 5.90 21.65
CA GLN B 344 -37.92 6.70 21.95
C GLN B 344 -39.19 5.81 21.93
N PHE B 345 -39.15 4.71 21.15
CA PHE B 345 -40.23 3.72 20.99
C PHE B 345 -40.33 2.74 22.21
N LEU B 346 -39.27 2.67 23.06
CA LEU B 346 -39.22 1.80 24.26
C LEU B 346 -40.42 1.93 25.21
N VAL B 350 -38.50 1.52 31.23
CA VAL B 350 -37.44 1.12 30.32
C VAL B 350 -36.86 2.35 29.61
N LYS B 351 -37.73 3.26 29.10
CA LYS B 351 -37.36 4.48 28.38
C LYS B 351 -36.56 5.49 29.22
N GLY B 352 -36.85 5.59 30.51
CA GLY B 352 -36.15 6.49 31.42
C GLY B 352 -34.72 6.04 31.72
N VAL B 353 -34.55 4.75 32.09
CA VAL B 353 -33.28 4.11 32.45
C VAL B 353 -32.28 4.11 31.30
N VAL B 354 -32.73 3.70 30.08
CA VAL B 354 -31.92 3.64 28.87
C VAL B 354 -31.44 5.05 28.52
N PHE B 355 -32.36 6.03 28.54
CA PHE B 355 -32.02 7.42 28.26
C PHE B 355 -31.06 7.97 29.32
N ALA B 356 -31.32 7.66 30.60
CA ALA B 356 -30.47 8.08 31.72
C ALA B 356 -29.04 7.60 31.52
N ALA B 357 -28.87 6.27 31.24
CA ALA B 357 -27.57 5.64 31.04
C ALA B 357 -26.77 6.33 29.93
N LEU B 358 -27.41 6.63 28.79
CA LEU B 358 -26.78 7.29 27.65
C LEU B 358 -26.25 8.68 28.01
N ALA B 359 -27.11 9.51 28.64
CA ALA B 359 -26.79 10.87 29.09
C ALA B 359 -25.62 10.85 30.07
N ALA B 360 -25.66 9.96 31.10
CA ALA B 360 -24.60 9.82 32.11
C ALA B 360 -23.30 9.39 31.44
N ALA B 361 -23.40 8.44 30.47
CA ALA B 361 -22.28 7.92 29.71
C ALA B 361 -21.63 9.03 28.88
N ILE B 362 -22.44 9.84 28.15
CA ILE B 362 -21.94 10.96 27.34
C ILE B 362 -21.15 11.92 28.24
N VAL B 363 -21.74 12.31 29.39
CA VAL B 363 -21.13 13.24 30.35
C VAL B 363 -19.85 12.66 30.96
N SER B 364 -19.89 11.38 31.38
CA SER B 364 -18.71 10.69 31.91
C SER B 364 -17.59 10.63 30.84
N SER B 365 -17.97 10.36 29.56
CA SER B 365 -17.02 10.29 28.45
C SER B 365 -16.38 11.64 28.21
N LEU B 366 -17.17 12.73 28.31
CA LEU B 366 -16.68 14.09 28.10
C LEU B 366 -15.68 14.47 29.17
N ALA B 367 -16.02 14.24 30.46
CA ALA B 367 -15.16 14.53 31.61
C ALA B 367 -13.79 13.84 31.48
N SER B 368 -13.82 12.52 31.16
CA SER B 368 -12.67 11.65 30.94
C SER B 368 -11.74 12.25 29.86
N MET B 369 -12.33 12.65 28.70
CA MET B 369 -11.63 13.26 27.56
C MET B 369 -11.06 14.63 27.91
N LEU B 370 -11.85 15.45 28.63
CA LEU B 370 -11.46 16.78 29.06
C LEU B 370 -10.28 16.73 30.01
N ASN B 371 -10.24 15.69 30.86
CA ASN B 371 -9.15 15.51 31.80
C ASN B 371 -7.85 15.18 31.05
N SER B 372 -7.93 14.23 30.10
CA SER B 372 -6.82 13.75 29.28
C SER B 372 -6.17 14.88 28.50
N THR B 373 -7.01 15.74 27.89
CA THR B 373 -6.57 16.90 27.11
C THR B 373 -5.81 17.87 28.01
N ALA B 374 -6.38 18.13 29.20
CA ALA B 374 -5.86 19.03 30.21
C ALA B 374 -4.51 18.54 30.76
N THR B 375 -4.40 17.21 31.06
CA THR B 375 -3.14 16.63 31.58
C THR B 375 -2.01 16.71 30.54
N ILE B 376 -2.31 16.40 29.26
CA ILE B 376 -1.32 16.47 28.17
C ILE B 376 -0.81 17.91 28.06
N PHE B 377 -1.72 18.90 28.02
CA PHE B 377 -1.30 20.30 27.94
C PHE B 377 -0.48 20.73 29.15
N THR B 378 -0.94 20.43 30.38
CA THR B 378 -0.23 20.85 31.58
C THR B 378 1.13 20.20 31.77
N MET B 379 1.22 18.89 31.51
CA MET B 379 2.45 18.13 31.72
C MET B 379 3.47 18.30 30.62
N ASP B 380 3.07 17.98 29.40
CA ASP B 380 3.94 17.97 28.23
C ASP B 380 4.15 19.35 27.55
N ILE B 381 3.30 20.36 27.86
CA ILE B 381 3.42 21.70 27.27
C ILE B 381 3.69 22.78 28.33
N TYR B 382 2.78 22.94 29.31
CA TYR B 382 2.86 23.97 30.35
C TYR B 382 4.04 23.81 31.33
N LYS B 383 4.13 22.67 32.03
CA LYS B 383 5.20 22.38 33.00
C LYS B 383 6.56 22.30 32.29
N GLU B 384 6.58 21.65 31.12
CA GLU B 384 7.79 21.47 30.33
C GLU B 384 8.37 22.77 29.77
N TYR B 385 7.51 23.73 29.36
CA TYR B 385 7.96 24.98 28.73
C TYR B 385 7.57 26.31 29.36
N ILE B 386 6.26 26.56 29.57
CA ILE B 386 5.76 27.84 30.11
C ILE B 386 6.30 28.17 31.51
N SER B 387 5.96 27.32 32.50
CA SER B 387 6.44 27.46 33.88
C SER B 387 7.19 26.19 34.29
N PRO B 388 8.56 26.23 34.30
CA PRO B 388 9.32 25.03 34.71
C PRO B 388 9.08 24.70 36.20
N ASP B 389 9.15 25.74 37.06
CA ASP B 389 8.91 25.65 38.50
C ASP B 389 7.49 26.15 38.82
N SER B 390 6.49 25.34 38.47
CA SER B 390 5.08 25.67 38.68
C SER B 390 4.55 25.09 40.00
N GLY B 391 4.71 23.78 40.18
CA GLY B 391 4.30 23.08 41.39
C GLY B 391 2.94 22.42 41.25
N ASP B 392 2.80 21.22 41.84
CA ASP B 392 1.61 20.34 41.84
C ASP B 392 0.24 21.04 41.91
N HIS B 393 0.09 22.00 42.84
CA HIS B 393 -1.14 22.74 43.09
C HIS B 393 -1.52 23.67 41.94
N LYS B 394 -0.56 24.47 41.44
CA LYS B 394 -0.76 25.42 40.33
C LYS B 394 -1.20 24.67 39.07
N LEU B 395 -0.46 23.59 38.71
CA LEU B 395 -0.69 22.71 37.54
C LEU B 395 -2.13 22.18 37.46
N VAL B 396 -2.75 21.84 38.61
CA VAL B 396 -4.14 21.34 38.68
C VAL B 396 -5.10 22.47 38.27
N ASN B 397 -4.89 23.68 38.84
CA ASN B 397 -5.68 24.87 38.51
C ASN B 397 -5.49 25.25 37.05
N VAL B 398 -4.25 25.08 36.51
CA VAL B 398 -3.92 25.32 35.10
C VAL B 398 -4.68 24.32 34.21
N GLY B 399 -4.75 23.05 34.68
CA GLY B 399 -5.47 21.96 34.02
C GLY B 399 -6.96 22.19 33.92
N ARG B 400 -7.57 22.69 35.01
CA ARG B 400 -8.99 23.00 35.07
C ARG B 400 -9.31 24.10 34.04
N THR B 401 -8.42 25.10 33.93
CA THR B 401 -8.51 26.21 32.98
C THR B 401 -8.40 25.66 31.54
N ALA B 402 -7.48 24.69 31.33
CA ALA B 402 -7.25 24.02 30.04
C ALA B 402 -8.51 23.26 29.62
N ALA B 403 -9.12 22.49 30.57
CA ALA B 403 -10.35 21.72 30.32
C ALA B 403 -11.49 22.65 29.85
N VAL B 404 -11.72 23.76 30.57
CA VAL B 404 -12.75 24.76 30.24
C VAL B 404 -12.54 25.31 28.82
N VAL B 405 -11.30 25.74 28.50
CA VAL B 405 -10.91 26.28 27.19
C VAL B 405 -11.20 25.25 26.07
N ALA B 406 -10.69 24.01 26.22
CA ALA B 406 -10.90 22.91 25.28
C ALA B 406 -12.40 22.64 25.09
N LEU B 407 -13.17 22.66 26.20
CA LEU B 407 -14.62 22.45 26.19
C LEU B 407 -15.32 23.55 25.42
N ILE B 408 -15.02 24.85 25.70
CA ILE B 408 -15.64 25.95 24.98
C ILE B 408 -15.32 25.92 23.48
N ILE B 409 -14.10 25.50 23.12
CA ILE B 409 -13.69 25.37 21.72
C ILE B 409 -14.48 24.23 21.04
N ALA B 410 -14.47 23.03 21.65
CA ALA B 410 -15.20 21.87 21.13
C ALA B 410 -16.70 22.14 21.06
N ALA B 411 -17.27 22.84 22.07
CA ALA B 411 -18.68 23.21 22.12
C ALA B 411 -19.07 24.20 21.02
N LEU B 412 -18.16 25.09 20.60
CA LEU B 412 -18.42 26.04 19.52
C LEU B 412 -18.36 25.36 18.15
N ILE B 413 -17.56 24.28 18.05
CA ILE B 413 -17.42 23.52 16.80
C ILE B 413 -18.51 22.48 16.63
N ALA B 414 -18.72 21.58 17.63
CA ALA B 414 -19.72 20.50 17.64
C ALA B 414 -21.07 20.70 16.91
N PRO B 415 -21.70 21.93 16.87
CA PRO B 415 -22.97 22.08 16.11
C PRO B 415 -22.72 21.92 14.61
N MET B 416 -21.57 22.30 14.09
CA MET B 416 -21.34 22.14 12.66
C MET B 416 -21.23 20.70 12.15
N LEU B 417 -21.10 19.74 13.06
CA LEU B 417 -20.94 18.34 12.68
C LEU B 417 -22.28 17.70 12.37
N GLY B 418 -23.35 18.50 12.40
CA GLY B 418 -24.69 18.01 12.15
C GLY B 418 -25.12 17.39 10.82
N GLY B 419 -24.66 17.94 9.71
CA GLY B 419 -25.04 17.43 8.40
C GLY B 419 -24.09 16.43 7.77
N ILE B 420 -23.13 15.97 8.55
CA ILE B 420 -22.12 15.01 8.11
C ILE B 420 -22.54 13.61 7.65
N GLY B 421 -23.56 13.02 8.24
CA GLY B 421 -23.95 11.68 7.87
C GLY B 421 -23.60 10.75 9.01
N GLN B 422 -22.46 10.05 8.90
CA GLN B 422 -21.95 9.12 9.91
C GLN B 422 -20.84 9.81 10.69
N CYS B 423 -20.99 9.93 12.01
CA CYS B 423 -19.94 10.57 12.80
C CYS B 423 -18.73 9.66 13.03
N PHE B 424 -18.96 8.32 13.02
CA PHE B 424 -17.91 7.33 13.19
C PHE B 424 -16.90 7.51 12.05
N GLN B 425 -17.41 7.78 10.81
CA GLN B 425 -16.57 8.04 9.63
C GLN B 425 -15.77 9.34 9.81
N TYR B 426 -16.36 10.38 10.44
CA TYR B 426 -15.66 11.63 10.72
C TYR B 426 -14.51 11.37 11.73
N ILE B 427 -14.81 10.56 12.78
CA ILE B 427 -13.83 10.15 13.79
C ILE B 427 -12.73 9.35 13.08
N GLN B 428 -13.11 8.50 12.14
CA GLN B 428 -12.15 7.72 11.39
C GLN B 428 -11.21 8.52 10.51
N GLU B 429 -11.79 9.30 9.61
CA GLU B 429 -11.08 10.13 8.66
C GLU B 429 -10.13 11.14 9.26
N TYR B 430 -10.56 11.88 10.29
CA TYR B 430 -9.68 12.92 10.79
C TYR B 430 -8.66 12.52 11.83
N THR B 431 -8.85 11.33 12.44
CA THR B 431 -7.83 10.72 13.29
C THR B 431 -6.77 10.21 12.29
N GLY B 432 -7.24 9.79 11.10
CA GLY B 432 -6.43 9.36 9.97
C GLY B 432 -5.52 10.41 9.39
N LEU B 433 -5.66 11.67 9.81
CA LEU B 433 -4.78 12.76 9.37
C LEU B 433 -3.49 12.67 10.17
N VAL B 434 -3.59 12.22 11.44
CA VAL B 434 -2.51 12.19 12.40
C VAL B 434 -2.04 10.76 12.81
N SER B 435 -2.99 9.80 12.85
CA SER B 435 -2.82 8.39 13.19
C SER B 435 -1.71 7.63 12.41
N PRO B 436 -1.59 7.71 11.05
CA PRO B 436 -0.55 6.93 10.35
C PRO B 436 0.89 7.37 10.58
N GLY B 437 1.08 8.68 10.78
CA GLY B 437 2.40 9.24 11.05
C GLY B 437 2.91 8.76 12.39
N ILE B 438 2.09 8.98 13.43
CA ILE B 438 2.34 8.58 14.81
C ILE B 438 2.51 7.06 14.89
N LEU B 439 1.71 6.28 14.12
CA LEU B 439 1.87 4.82 14.13
C LEU B 439 3.21 4.36 13.54
N ALA B 440 3.74 5.11 12.55
CA ALA B 440 5.02 4.78 11.93
C ALA B 440 6.16 5.00 12.91
N VAL B 441 6.18 6.16 13.63
CA VAL B 441 7.21 6.45 14.64
C VAL B 441 7.24 5.40 15.73
N PHE B 442 6.03 4.93 16.12
CA PHE B 442 5.85 3.91 17.15
C PHE B 442 6.34 2.54 16.72
N LEU B 443 5.91 2.06 15.54
CA LEU B 443 6.30 0.76 15.00
C LEU B 443 7.80 0.68 14.77
N LEU B 444 8.43 1.78 14.30
CA LEU B 444 9.86 1.81 14.04
C LEU B 444 10.68 1.97 15.32
N GLY B 445 10.12 2.65 16.31
CA GLY B 445 10.76 2.77 17.62
C GLY B 445 10.77 1.43 18.31
N LEU B 446 9.68 0.67 18.15
CA LEU B 446 9.53 -0.65 18.75
C LEU B 446 10.35 -1.71 18.07
N PHE B 447 10.45 -1.66 16.72
CA PHE B 447 11.14 -2.72 15.99
C PHE B 447 12.44 -2.38 15.25
N TRP B 448 12.56 -1.20 14.68
CA TRP B 448 13.70 -0.72 13.90
C TRP B 448 14.72 -0.04 14.83
N LYS B 449 15.78 -0.79 15.24
CA LYS B 449 16.83 -0.30 16.13
C LYS B 449 17.55 0.96 15.58
N LYS B 450 17.62 1.07 14.24
CA LYS B 450 18.24 2.17 13.50
C LYS B 450 17.52 3.51 13.65
N THR B 451 16.17 3.51 13.89
CA THR B 451 15.33 4.71 14.02
C THR B 451 15.92 5.69 15.04
N THR B 452 16.06 6.96 14.62
CA THR B 452 16.57 8.03 15.47
C THR B 452 15.44 9.03 15.71
N SER B 453 15.65 9.97 16.64
CA SER B 453 14.68 11.01 16.95
C SER B 453 14.57 11.95 15.74
N LYS B 454 15.73 12.31 15.14
CA LYS B 454 15.81 13.20 13.97
C LYS B 454 14.91 12.68 12.86
N GLY B 455 15.01 11.36 12.59
CA GLY B 455 14.19 10.67 11.61
C GLY B 455 12.73 10.77 12.01
N ALA B 456 12.38 10.27 13.22
CA ALA B 456 11.02 10.28 13.79
C ALA B 456 10.32 11.64 13.69
N ILE B 457 11.03 12.72 14.09
CA ILE B 457 10.54 14.09 14.00
C ILE B 457 10.36 14.50 12.53
N ILE B 458 11.39 14.27 11.69
CA ILE B 458 11.33 14.59 10.26
C ILE B 458 10.15 13.92 9.52
N GLY B 459 9.92 12.63 9.80
CA GLY B 459 8.81 11.90 9.18
C GLY B 459 7.44 12.30 9.69
N VAL B 460 7.25 12.36 11.02
CA VAL B 460 5.96 12.72 11.63
C VAL B 460 5.48 14.10 11.14
N VAL B 461 6.43 15.06 11.01
CA VAL B 461 6.12 16.39 10.50
C VAL B 461 5.72 16.24 9.03
N ALA B 462 6.56 15.59 8.17
CA ALA B 462 6.26 15.35 6.75
C ALA B 462 4.93 14.61 6.47
N SER B 463 4.49 13.78 7.43
CA SER B 463 3.27 12.97 7.40
C SER B 463 1.99 13.82 7.23
N ILE B 464 1.94 15.01 7.88
CA ILE B 464 0.79 15.93 7.82
C ILE B 464 0.60 16.59 6.43
N PRO B 465 1.61 17.26 5.81
CA PRO B 465 1.40 17.80 4.46
C PRO B 465 1.10 16.69 3.45
N PHE B 466 1.66 15.47 3.67
CA PHE B 466 1.41 14.35 2.77
C PHE B 466 -0.06 13.91 2.87
N ALA B 467 -0.52 13.56 4.11
CA ALA B 467 -1.89 13.15 4.39
C ALA B 467 -2.90 14.18 3.84
N LEU B 468 -2.60 15.48 4.04
CA LEU B 468 -3.43 16.58 3.53
C LEU B 468 -3.46 16.58 2.01
N PHE B 469 -2.29 16.38 1.36
CA PHE B 469 -2.18 16.31 -0.11
C PHE B 469 -3.18 15.29 -0.65
N LEU B 470 -3.22 14.08 -0.07
CA LEU B 470 -4.16 13.03 -0.43
C LEU B 470 -5.66 13.36 -0.29
N LYS B 471 -6.08 14.13 0.73
CA LYS B 471 -7.51 14.53 0.84
C LYS B 471 -7.84 15.64 -0.18
N PHE B 472 -7.13 16.75 -0.10
CA PHE B 472 -7.37 17.95 -0.90
C PHE B 472 -7.08 17.87 -2.39
N MET B 473 -6.34 16.83 -2.79
CA MET B 473 -6.01 16.55 -4.19
C MET B 473 -7.23 15.87 -4.83
N PRO B 474 -7.59 16.19 -6.10
CA PRO B 474 -8.76 15.53 -6.72
C PRO B 474 -8.46 14.09 -7.14
N LEU B 475 -8.28 13.20 -6.16
CA LEU B 475 -7.92 11.81 -6.44
C LEU B 475 -9.06 10.83 -6.25
N SER B 476 -10.12 11.23 -5.53
CA SER B 476 -11.29 10.39 -5.21
C SER B 476 -10.83 9.04 -4.64
N MET B 477 -9.94 9.11 -3.62
CA MET B 477 -9.33 7.98 -2.93
C MET B 477 -9.96 7.77 -1.54
N PRO B 478 -10.41 6.55 -1.19
CA PRO B 478 -10.95 6.32 0.17
C PRO B 478 -9.96 6.73 1.26
N PHE B 479 -10.46 7.39 2.34
CA PHE B 479 -9.57 7.85 3.41
C PHE B 479 -8.70 6.73 3.99
N MET B 480 -9.28 5.53 4.19
CA MET B 480 -8.62 4.31 4.65
C MET B 480 -7.41 4.04 3.75
N ASP B 481 -7.62 4.09 2.41
CA ASP B 481 -6.56 3.93 1.41
C ASP B 481 -5.47 4.98 1.64
N GLN B 482 -5.89 6.27 1.85
CA GLN B 482 -4.99 7.40 2.11
C GLN B 482 -4.14 7.11 3.31
N MET B 483 -4.78 6.58 4.40
CA MET B 483 -4.17 6.22 5.68
C MET B 483 -3.01 5.24 5.49
N LEU B 484 -3.25 4.14 4.73
CA LEU B 484 -2.21 3.15 4.43
C LEU B 484 -1.04 3.84 3.75
N TYR B 485 -1.34 4.73 2.77
CA TYR B 485 -0.32 5.50 2.06
C TYR B 485 0.44 6.44 2.97
N THR B 486 -0.27 7.12 3.91
CA THR B 486 0.39 8.03 4.85
C THR B 486 1.37 7.30 5.73
N LEU B 487 0.95 6.13 6.26
CA LEU B 487 1.78 5.27 7.08
C LEU B 487 3.06 4.95 6.33
N LEU B 488 2.92 4.26 5.15
CA LEU B 488 4.03 3.85 4.26
C LEU B 488 5.00 4.99 3.93
N PHE B 489 4.46 6.18 3.59
CA PHE B 489 5.25 7.35 3.29
C PHE B 489 6.11 7.72 4.50
N THR B 490 5.50 7.78 5.70
CA THR B 490 6.20 8.13 6.93
C THR B 490 7.33 7.15 7.21
N MET B 491 7.03 5.81 7.19
CA MET B 491 8.02 4.74 7.40
C MET B 491 9.24 4.96 6.49
N VAL B 492 8.99 5.19 5.17
CA VAL B 492 10.02 5.44 4.16
C VAL B 492 10.85 6.69 4.51
N VAL B 493 10.17 7.79 4.89
CA VAL B 493 10.83 9.03 5.26
C VAL B 493 11.67 8.83 6.51
N ILE B 494 11.11 8.29 7.58
CA ILE B 494 11.89 8.08 8.79
C ILE B 494 13.07 7.13 8.56
N ALA B 495 12.85 6.09 7.75
CA ALA B 495 13.88 5.10 7.46
C ALA B 495 15.04 5.72 6.73
N PHE B 496 14.80 6.44 5.60
CA PHE B 496 15.89 7.07 4.86
C PHE B 496 16.63 8.10 5.68
N THR B 497 15.88 8.97 6.38
CA THR B 497 16.44 10.02 7.24
C THR B 497 17.31 9.43 8.35
N SER B 498 16.81 8.43 9.08
CA SER B 498 17.62 7.81 10.13
C SER B 498 18.84 7.11 9.56
N LEU B 499 18.71 6.39 8.42
CA LEU B 499 19.84 5.71 7.75
C LEU B 499 20.94 6.68 7.35
N SER B 500 20.56 7.87 6.83
CA SER B 500 21.54 8.86 6.41
C SER B 500 22.04 9.83 7.50
N THR B 501 21.50 9.72 8.74
CA THR B 501 21.90 10.58 9.85
C THR B 501 22.50 9.85 11.06
N SER B 502 22.03 8.60 11.36
CA SER B 502 22.52 7.84 12.54
C SER B 502 23.96 7.41 12.33
N ILE B 503 24.95 8.13 12.94
CA ILE B 503 26.42 7.88 12.85
C ILE B 503 26.73 6.40 13.13
N ASN B 504 26.12 5.90 14.21
CA ASN B 504 26.25 4.52 14.69
C ASN B 504 25.16 3.66 14.06
N ASP B 505 25.34 2.34 14.11
CA ASP B 505 24.45 1.31 13.62
C ASP B 505 23.08 1.27 14.32
N ASP B 506 23.06 0.91 15.62
CA ASP B 506 21.80 0.85 16.38
C ASP B 506 21.79 2.18 17.11
N ASP B 507 20.63 2.84 17.18
CA ASP B 507 20.51 4.09 17.93
C ASP B 507 20.72 3.70 19.41
N PRO B 508 21.50 4.46 20.24
CA PRO B 508 21.70 4.06 21.65
C PRO B 508 20.40 3.70 22.39
N LYS B 509 19.32 4.47 22.10
CA LYS B 509 18.00 4.28 22.70
C LYS B 509 17.19 3.14 22.05
N GLY B 510 17.77 2.51 21.02
CA GLY B 510 17.17 1.40 20.28
C GLY B 510 16.89 0.18 21.11
N ILE B 511 15.62 -0.27 21.17
CA ILE B 511 15.17 -1.45 21.92
C ILE B 511 15.77 -2.70 21.31
N SER B 512 16.54 -3.45 22.09
CA SER B 512 17.20 -4.65 21.55
C SER B 512 16.74 -6.04 22.00
N VAL B 513 15.80 -6.11 22.94
CA VAL B 513 15.35 -7.41 23.42
C VAL B 513 14.59 -8.19 22.35
N THR B 514 14.86 -9.48 22.22
CA THR B 514 14.14 -10.31 21.25
C THR B 514 14.23 -11.83 21.46
N SER B 515 13.26 -12.56 20.91
CA SER B 515 13.26 -14.04 20.94
C SER B 515 13.17 -14.84 22.25
N SER B 516 12.76 -14.15 23.31
CA SER B 516 12.56 -14.72 24.63
C SER B 516 11.22 -14.19 25.16
N MET B 517 10.92 -12.98 24.67
CA MET B 517 9.73 -12.22 24.99
C MET B 517 8.48 -12.53 24.18
N PHE B 518 8.65 -12.97 22.94
CA PHE B 518 7.49 -13.24 22.10
C PHE B 518 6.82 -14.58 22.32
N VAL B 519 7.20 -15.29 23.40
CA VAL B 519 6.58 -16.57 23.74
C VAL B 519 5.24 -16.39 24.44
N THR B 520 4.28 -17.20 24.02
CA THR B 520 2.92 -17.23 24.54
C THR B 520 2.58 -18.69 24.79
N ASP B 521 1.81 -18.98 25.85
CA ASP B 521 1.41 -20.35 26.22
C ASP B 521 0.47 -20.96 25.18
N ARG B 522 0.40 -22.31 25.15
CA ARG B 522 -0.46 -23.06 24.23
C ARG B 522 -1.95 -22.66 24.37
N SER B 523 -2.38 -22.27 25.59
CA SER B 523 -3.74 -21.81 25.88
C SER B 523 -4.07 -20.54 25.08
N PHE B 524 -3.12 -19.56 25.06
CA PHE B 524 -3.25 -18.31 24.30
C PHE B 524 -3.26 -18.63 22.81
N ASN B 525 -2.35 -19.51 22.37
CA ASN B 525 -2.18 -19.90 20.98
C ASN B 525 -3.39 -20.63 20.42
N ILE B 526 -3.97 -21.57 21.17
CA ILE B 526 -5.18 -22.30 20.74
C ILE B 526 -6.36 -21.33 20.66
N ALA B 527 -6.42 -20.36 21.61
CA ALA B 527 -7.44 -19.31 21.61
C ALA B 527 -7.24 -18.37 20.41
N ALA B 528 -5.95 -18.06 20.09
CA ALA B 528 -5.59 -17.20 18.96
C ALA B 528 -6.07 -17.84 17.66
N TYR B 529 -5.80 -19.16 17.48
CA TYR B 529 -6.22 -19.93 16.30
C TYR B 529 -7.75 -19.99 16.19
N GLY B 530 -8.42 -20.13 17.33
CA GLY B 530 -9.88 -20.15 17.43
C GLY B 530 -10.50 -18.87 16.90
N ILE B 531 -10.00 -17.71 17.36
CA ILE B 531 -10.46 -16.38 16.94
C ILE B 531 -10.22 -16.17 15.43
N MET B 532 -9.09 -16.67 14.90
CA MET B 532 -8.79 -16.58 13.48
C MET B 532 -9.75 -17.44 12.66
N ILE B 533 -10.02 -18.68 13.13
CA ILE B 533 -10.95 -19.62 12.50
C ILE B 533 -12.39 -19.06 12.51
N VAL B 534 -12.78 -18.37 13.61
CA VAL B 534 -14.08 -17.72 13.74
C VAL B 534 -14.20 -16.55 12.75
N LEU B 535 -13.17 -15.68 12.71
CA LEU B 535 -13.09 -14.53 11.81
C LEU B 535 -13.20 -14.96 10.36
N ALA B 536 -12.59 -16.11 10.02
CA ALA B 536 -12.65 -16.66 8.67
C ALA B 536 -14.11 -16.95 8.34
N VAL B 537 -14.81 -17.65 9.26
CA VAL B 537 -16.21 -18.03 9.12
C VAL B 537 -17.11 -16.79 9.03
N LEU B 538 -16.92 -15.82 9.95
CA LEU B 538 -17.67 -14.56 10.01
C LEU B 538 -17.65 -13.80 8.68
N TYR B 539 -16.50 -13.75 8.00
CA TYR B 539 -16.39 -13.06 6.70
C TYR B 539 -16.89 -13.88 5.50
N THR B 540 -17.19 -15.17 5.74
CA THR B 540 -17.59 -16.12 4.69
C THR B 540 -19.05 -16.56 4.80
N LEU B 541 -19.63 -16.43 5.99
CA LEU B 541 -21.00 -16.86 6.29
C LEU B 541 -22.09 -16.45 5.32
N PHE B 542 -22.35 -15.13 5.15
CA PHE B 542 -23.40 -14.64 4.25
C PHE B 542 -23.22 -15.08 2.79
N TRP B 543 -21.95 -15.16 2.30
CA TRP B 543 -21.61 -15.62 0.95
C TRP B 543 -22.11 -17.07 0.79
N VAL B 544 -21.52 -18.02 1.55
CA VAL B 544 -21.86 -19.45 1.51
C VAL B 544 -23.32 -19.75 1.91
N ASN B 545 -23.77 -19.30 3.09
CA ASN B 545 -25.13 -19.55 3.55
C ASN B 545 -25.81 -18.31 4.10
N ALA B 546 -26.69 -17.69 3.29
CA ALA B 546 -27.46 -16.50 3.68
C ALA B 546 -28.47 -16.81 4.78
N ASP B 547 -28.87 -18.09 4.90
CA ASP B 547 -29.82 -18.54 5.92
C ASP B 547 -29.15 -18.84 7.27
N ALA B 548 -27.81 -18.97 7.26
CA ALA B 548 -27.02 -19.21 8.47
C ALA B 548 -26.82 -17.91 9.24
N GLU B 549 -27.06 -16.75 8.57
CA GLU B 549 -26.91 -15.42 9.15
C GLU B 549 -27.89 -15.11 10.27
N ILE B 550 -29.07 -15.76 10.25
CA ILE B 550 -30.11 -15.61 11.27
C ILE B 550 -29.57 -16.15 12.62
N THR B 551 -28.91 -17.33 12.57
CA THR B 551 -28.27 -17.95 13.73
C THR B 551 -27.17 -17.02 14.25
N LEU B 552 -26.38 -16.42 13.34
CA LEU B 552 -25.29 -15.51 13.66
C LEU B 552 -25.78 -14.23 14.34
N ILE B 553 -26.88 -13.63 13.86
CA ILE B 553 -27.46 -12.41 14.44
C ILE B 553 -27.96 -12.73 15.85
N ILE B 554 -28.72 -13.84 16.00
CA ILE B 554 -29.29 -14.30 17.27
C ILE B 554 -28.21 -14.73 18.26
N PHE B 555 -27.36 -15.71 17.89
CA PHE B 555 -26.31 -16.20 18.80
C PHE B 555 -25.21 -15.21 19.13
N GLY B 556 -25.13 -14.17 18.31
CA GLY B 556 -24.20 -13.06 18.50
C GLY B 556 -24.77 -12.07 19.49
N VAL B 557 -26.05 -11.67 19.31
CA VAL B 557 -26.71 -10.73 20.21
C VAL B 557 -26.97 -11.35 21.60
N MET B 558 -27.23 -12.68 21.65
CA MET B 558 -27.48 -13.43 22.88
C MET B 558 -26.24 -13.54 23.75
N ALA B 559 -25.09 -13.91 23.14
CA ALA B 559 -23.79 -14.05 23.80
C ALA B 559 -23.33 -12.75 24.48
N GLY B 560 -23.72 -11.61 23.91
CA GLY B 560 -23.39 -10.30 24.44
C GLY B 560 -24.17 -9.95 25.69
N VAL B 561 -25.44 -10.38 25.74
CA VAL B 561 -26.34 -10.14 26.86
C VAL B 561 -25.95 -11.04 28.02
N ILE B 562 -25.93 -12.38 27.77
CA ILE B 562 -25.54 -13.41 28.74
C ILE B 562 -24.12 -13.10 29.27
N GLY B 563 -23.22 -12.79 28.34
CA GLY B 563 -21.83 -12.42 28.61
C GLY B 563 -21.68 -11.23 29.53
N THR B 564 -22.53 -10.19 29.37
CA THR B 564 -22.46 -9.00 30.23
C THR B 564 -23.05 -9.31 31.61
N ILE B 565 -24.28 -9.87 31.66
CA ILE B 565 -24.92 -10.21 32.94
C ILE B 565 -24.08 -11.16 33.82
N LEU B 566 -23.49 -12.23 33.21
CA LEU B 566 -22.65 -13.19 33.93
C LEU B 566 -21.34 -12.56 34.43
N LEU B 567 -20.67 -11.75 33.61
CA LEU B 567 -19.41 -11.08 33.95
C LEU B 567 -19.59 -10.02 35.04
N ILE B 568 -20.78 -9.39 35.11
CA ILE B 568 -21.10 -8.41 36.15
C ILE B 568 -21.33 -9.18 37.47
N SER B 569 -22.01 -10.34 37.38
CA SER B 569 -22.33 -11.23 38.51
C SER B 569 -21.07 -11.74 39.24
N TYR B 570 -20.03 -12.17 38.48
CA TYR B 570 -18.77 -12.64 39.08
C TYR B 570 -17.92 -11.46 39.57
N GLY B 571 -18.18 -10.27 39.01
CA GLY B 571 -17.53 -9.03 39.40
C GLY B 571 -18.04 -8.55 40.74
N ILE B 572 -19.29 -8.93 41.07
CA ILE B 572 -19.96 -8.62 42.34
C ILE B 572 -19.37 -9.49 43.47
N LYS B 573 -18.97 -10.75 43.16
CA LYS B 573 -18.35 -11.70 44.09
C LYS B 573 -17.04 -11.18 44.70
#